data_5V0W
#
_entry.id   5V0W
#
_cell.length_a   57.320
_cell.length_b   119.130
_cell.length_c   176.610
_cell.angle_alpha   90.000
_cell.angle_beta   90.000
_cell.angle_gamma   90.000
#
_symmetry.space_group_name_H-M   'P 21 21 21'
#
loop_
_entity.id
_entity.type
_entity.pdbx_description
1 polymer 'Glycylpeptide N-tetradecanoyltransferase'
2 non-polymer TETRADECANOYL-COA
3 non-polymer 1-[5-[3,4-bis(fluoranyl)-2-[2-(1,3,5-trimethylpyrazol-4-yl)ethoxy]phenyl]-1-methyl-indazol-3-yl]-~{N},~{N}-dimethyl-methanamine
4 non-polymer 'SULFATE ION'
5 non-polymer 'CHLORIDE ION'
6 water water
#
_entity_poly.entity_id   1
_entity_poly.type   'polypeptide(L)'
_entity_poly.pdbx_seq_one_letter_code
;MGSSHHHHHHSAALEVLFQGPDYKFWYTQPVPKINDEFNESVNEPFISDNKVEDVRKDEYKLPPGYSWYVCDVKDEKDRS
EIYTLLTDNYVEDDDNIFRFNYSAEFLLWALTSPNYLKTWHIGVKYDASNKLIGFISAIPTDICIHKRTIKMAEVNFLCV
HKTLRSKRLAPVLIKEITRRINLENIWQAIYTAGVYLPKPVSDARYYHRSINVKKLIEIGFSSLNSRLTMSRAIKLYRVE
DTLNIKNMRLMKKKDVEGVHKLLGSYLEQFNLYAVFTKEEIAHWFLPIENVIYTYVNEENGKIKDMISFYSLPSQILGND
KYSTLNAAYSFYNVTTTATFKQLMQDAILLAKRNNFDVFNALEVMQNKSVFEDLKFGEGDGSLKYYLYNWKCASFAPAHV
GIVLL
;
_entity_poly.pdbx_strand_id   A,B,C
#
# COMPACT_ATOMS: atom_id res chain seq x y z
N PRO A 21 -28.64 16.05 -22.87
CA PRO A 21 -29.04 15.38 -24.10
C PRO A 21 -28.24 15.82 -25.32
N ASP A 22 -28.24 17.12 -25.63
CA ASP A 22 -27.58 17.58 -26.85
C ASP A 22 -26.14 18.03 -26.61
N TYR A 23 -25.84 18.65 -25.46
CA TYR A 23 -24.51 19.15 -25.13
C TYR A 23 -23.91 19.96 -26.28
N LYS A 24 -24.66 20.96 -26.74
CA LYS A 24 -24.23 21.73 -27.91
C LYS A 24 -22.94 22.48 -27.66
N PHE A 25 -22.73 22.97 -26.43
CA PHE A 25 -21.48 23.63 -26.10
C PHE A 25 -20.39 22.62 -25.80
N TRP A 26 -20.67 21.66 -24.92
CA TRP A 26 -19.60 20.79 -24.45
C TRP A 26 -19.06 19.91 -25.57
N TYR A 27 -19.84 19.65 -26.62
CA TYR A 27 -19.32 18.81 -27.69
C TYR A 27 -18.37 19.57 -28.63
N THR A 28 -18.27 20.89 -28.49
CA THR A 28 -17.22 21.66 -29.17
C THR A 28 -15.90 21.65 -28.39
N GLN A 29 -15.87 21.08 -27.20
CA GLN A 29 -14.74 21.18 -26.28
C GLN A 29 -13.94 19.89 -26.28
N PRO A 30 -12.64 19.97 -25.91
CA PRO A 30 -11.80 18.75 -25.82
C PRO A 30 -12.10 17.94 -24.56
N VAL A 31 -13.26 17.29 -24.57
CA VAL A 31 -13.68 16.38 -23.49
C VAL A 31 -14.30 15.15 -24.14
N PRO A 32 -14.45 14.05 -23.38
CA PRO A 32 -15.01 12.83 -23.99
C PRO A 32 -16.47 13.02 -24.35
N LYS A 33 -16.89 12.35 -25.42
CA LYS A 33 -18.32 12.24 -25.68
C LYS A 33 -18.96 11.32 -24.63
N ILE A 34 -20.30 11.38 -24.55
CA ILE A 34 -21.02 10.69 -23.47
C ILE A 34 -20.74 9.19 -23.48
N ASN A 35 -20.58 8.60 -24.66
CA ASN A 35 -20.37 7.16 -24.77
C ASN A 35 -18.91 6.79 -24.99
N ASP A 36 -18.00 7.76 -24.85
CA ASP A 36 -16.58 7.44 -24.97
C ASP A 36 -16.10 6.70 -23.73
N GLU A 37 -15.25 5.70 -23.93
CA GLU A 37 -14.55 5.13 -22.80
C GLU A 37 -13.18 4.67 -23.25
N PHE A 38 -12.19 4.89 -22.38
CA PHE A 38 -10.79 4.66 -22.68
C PHE A 38 -10.22 3.65 -21.70
N ASN A 39 -9.36 2.76 -22.19
CA ASN A 39 -8.82 1.78 -21.28
C ASN A 39 -7.60 2.37 -20.57
N GLU A 40 -7.05 1.62 -19.62
CA GLU A 40 -6.05 2.19 -18.73
C GLU A 40 -4.72 2.46 -19.41
N SER A 41 -4.54 2.02 -20.66
CA SER A 41 -3.35 2.33 -21.43
C SER A 41 -3.40 3.73 -22.04
N VAL A 42 -4.52 4.43 -21.90
CA VAL A 42 -4.72 5.76 -22.48
C VAL A 42 -4.69 6.77 -21.34
N ASN A 43 -3.79 7.74 -21.43
CA ASN A 43 -3.64 8.74 -20.37
C ASN A 43 -2.88 9.92 -20.95
N GLU A 44 -3.57 10.80 -21.65
CA GLU A 44 -2.92 11.82 -22.47
C GLU A 44 -3.95 12.88 -22.83
N PRO A 45 -3.51 14.03 -23.34
CA PRO A 45 -4.46 15.06 -23.74
C PRO A 45 -5.27 14.65 -24.96
N PHE A 46 -6.43 15.29 -25.12
CA PHE A 46 -7.10 15.25 -26.42
C PHE A 46 -6.34 16.04 -27.46
N ILE A 47 -5.82 17.21 -27.08
CA ILE A 47 -5.08 18.11 -27.98
C ILE A 47 -3.72 18.37 -27.34
N SER A 48 -2.65 18.01 -28.05
CA SER A 48 -1.28 18.18 -27.58
CA SER A 48 -1.28 18.18 -27.57
C SER A 48 -0.55 19.21 -28.43
N ASP A 49 0.69 19.52 -28.03
CA ASP A 49 1.56 20.43 -28.75
CA ASP A 49 1.57 20.45 -28.74
C ASP A 49 0.92 21.82 -28.91
N ASN A 50 0.23 22.28 -27.87
CA ASN A 50 -0.39 23.59 -27.84
C ASN A 50 0.66 24.69 -27.76
N LYS A 51 0.37 25.84 -28.37
CA LYS A 51 1.31 26.97 -28.43
C LYS A 51 0.69 28.18 -27.75
N VAL A 52 1.36 28.69 -26.70
CA VAL A 52 0.91 29.93 -26.05
C VAL A 52 0.81 31.07 -27.06
N GLU A 53 1.73 31.09 -28.03
CA GLU A 53 1.74 32.16 -29.03
C GLU A 53 0.45 32.23 -29.83
N ASP A 54 -0.24 31.11 -30.00
CA ASP A 54 -1.45 31.07 -30.82
C ASP A 54 -2.72 31.34 -30.03
N VAL A 55 -2.64 31.48 -28.70
CA VAL A 55 -3.82 31.74 -27.88
C VAL A 55 -4.38 33.11 -28.19
N ARG A 56 -5.71 33.23 -28.20
CA ARG A 56 -6.38 34.49 -28.48
C ARG A 56 -6.03 35.53 -27.43
N LYS A 57 -5.70 36.74 -27.86
CA LYS A 57 -5.41 37.79 -26.88
C LYS A 57 -6.58 38.73 -26.64
N ASP A 58 -7.67 38.59 -27.40
CA ASP A 58 -8.87 39.39 -27.20
C ASP A 58 -9.81 38.70 -26.22
N GLU A 59 -10.45 39.50 -25.36
CA GLU A 59 -11.48 38.97 -24.48
C GLU A 59 -12.69 38.53 -25.28
N TYR A 60 -13.35 37.46 -24.80
CA TYR A 60 -14.57 36.99 -25.42
C TYR A 60 -15.67 38.05 -25.36
N LYS A 61 -16.49 38.10 -26.40
CA LYS A 61 -17.54 39.11 -26.47
C LYS A 61 -18.68 38.75 -25.52
N LEU A 62 -19.16 39.76 -24.79
CA LEU A 62 -20.31 39.65 -23.91
C LEU A 62 -21.50 40.34 -24.55
N PRO A 63 -22.73 40.01 -24.13
CA PRO A 63 -23.89 40.70 -24.66
C PRO A 63 -23.80 42.18 -24.35
N PRO A 64 -24.44 43.02 -25.16
CA PRO A 64 -24.38 44.47 -24.92
C PRO A 64 -24.84 44.82 -23.50
N GLY A 65 -24.14 45.76 -22.88
CA GLY A 65 -24.45 46.18 -21.52
C GLY A 65 -23.73 45.43 -20.43
N TYR A 66 -22.88 44.47 -20.77
CA TYR A 66 -22.11 43.69 -19.80
C TYR A 66 -20.63 43.81 -20.11
N SER A 67 -19.79 43.76 -19.08
CA SER A 67 -18.34 43.93 -19.22
CA SER A 67 -18.35 43.85 -19.29
C SER A 67 -17.59 42.97 -18.31
N TRP A 68 -16.39 42.58 -18.73
CA TRP A 68 -15.49 41.83 -17.85
C TRP A 68 -14.98 42.72 -16.72
N TYR A 69 -14.73 42.10 -15.57
CA TYR A 69 -14.21 42.81 -14.41
C TYR A 69 -13.21 41.88 -13.75
N VAL A 70 -11.98 42.34 -13.57
CA VAL A 70 -11.00 41.55 -12.84
C VAL A 70 -11.19 41.82 -11.35
N CYS A 71 -11.51 40.77 -10.60
CA CYS A 71 -11.75 40.88 -9.17
C CYS A 71 -10.43 40.75 -8.42
N ASP A 72 -10.18 41.66 -7.50
CA ASP A 72 -9.07 41.55 -6.55
C ASP A 72 -9.63 40.96 -5.27
N VAL A 73 -9.48 39.65 -5.10
CA VAL A 73 -10.07 39.00 -3.93
C VAL A 73 -9.38 39.44 -2.64
N LYS A 74 -8.19 40.02 -2.73
CA LYS A 74 -7.57 40.53 -1.51
C LYS A 74 -8.09 41.90 -1.12
N ASP A 75 -8.91 42.52 -1.96
CA ASP A 75 -9.56 43.78 -1.61
C ASP A 75 -10.91 43.46 -0.96
N GLU A 76 -11.14 44.00 0.24
CA GLU A 76 -12.34 43.64 0.99
C GLU A 76 -13.61 43.94 0.18
N LYS A 77 -13.64 45.06 -0.54
CA LYS A 77 -14.86 45.44 -1.25
C LYS A 77 -15.13 44.53 -2.43
N ASP A 78 -14.10 44.28 -3.27
CA ASP A 78 -14.27 43.31 -4.36
C ASP A 78 -14.68 41.95 -3.82
N ARG A 79 -14.05 41.50 -2.74
CA ARG A 79 -14.37 40.19 -2.19
C ARG A 79 -15.81 40.15 -1.72
N SER A 80 -16.28 41.26 -1.12
CA SER A 80 -17.67 41.35 -0.68
CA SER A 80 -17.67 41.35 -0.68
C SER A 80 -18.65 41.29 -1.84
N GLU A 81 -18.28 41.83 -3.01
CA GLU A 81 -19.13 41.71 -4.19
CA GLU A 81 -19.17 41.70 -4.16
C GLU A 81 -19.31 40.25 -4.59
N ILE A 82 -18.21 39.50 -4.62
CA ILE A 82 -18.27 38.08 -4.93
C ILE A 82 -19.14 37.37 -3.89
N TYR A 83 -18.89 37.66 -2.61
CA TYR A 83 -19.65 37.07 -1.53
C TYR A 83 -21.14 37.27 -1.73
N THR A 84 -21.54 38.51 -2.04
CA THR A 84 -22.96 38.80 -2.24
C THR A 84 -23.52 38.02 -3.42
N LEU A 85 -22.78 37.98 -4.54
CA LEU A 85 -23.25 37.26 -5.72
C LEU A 85 -23.52 35.80 -5.38
N LEU A 86 -22.56 35.14 -4.71
CA LEU A 86 -22.72 33.73 -4.39
C LEU A 86 -23.80 33.50 -3.34
N THR A 87 -23.83 34.33 -2.29
CA THR A 87 -24.85 34.17 -1.25
C THR A 87 -26.25 34.14 -1.85
N ASP A 88 -26.49 34.99 -2.84
CA ASP A 88 -27.81 35.13 -3.44
C ASP A 88 -28.07 34.20 -4.62
N ASN A 89 -27.01 33.67 -5.26
CA ASN A 89 -27.20 33.00 -6.54
C ASN A 89 -26.44 31.69 -6.72
N TYR A 90 -25.73 31.20 -5.72
CA TYR A 90 -24.89 30.03 -5.94
C TYR A 90 -25.70 28.74 -5.74
N VAL A 91 -25.00 27.62 -5.51
CA VAL A 91 -25.57 26.28 -5.55
C VAL A 91 -26.67 26.08 -4.51
N GLU A 92 -27.79 25.51 -4.95
CA GLU A 92 -28.85 25.05 -4.06
C GLU A 92 -28.95 23.53 -4.12
N ASP A 93 -29.54 22.96 -3.08
CA ASP A 93 -29.80 21.53 -3.12
C ASP A 93 -30.87 21.24 -4.16
N ASP A 94 -31.04 19.96 -4.48
CA ASP A 94 -31.99 19.56 -5.52
C ASP A 94 -33.41 20.04 -5.24
N ASP A 95 -33.76 20.28 -3.97
CA ASP A 95 -35.12 20.65 -3.61
C ASP A 95 -35.26 22.14 -3.25
N ASN A 96 -34.24 22.96 -3.53
CA ASN A 96 -34.27 24.41 -3.32
C ASN A 96 -34.64 24.78 -1.89
N ILE A 97 -34.06 24.05 -0.94
CA ILE A 97 -34.27 24.28 0.48
C ILE A 97 -33.05 24.99 1.09
N PHE A 98 -31.86 24.68 0.59
CA PHE A 98 -30.63 25.24 1.08
C PHE A 98 -29.83 25.87 -0.06
N ARG A 99 -29.07 26.93 0.26
CA ARG A 99 -28.15 27.52 -0.69
CA ARG A 99 -28.15 27.54 -0.69
C ARG A 99 -26.81 27.75 0.00
N PHE A 100 -25.71 27.33 -0.65
CA PHE A 100 -24.40 27.51 -0.07
C PHE A 100 -24.18 28.98 0.30
N ASN A 101 -23.51 29.21 1.42
CA ASN A 101 -23.17 30.55 1.89
C ASN A 101 -21.70 30.57 2.34
N TYR A 102 -20.80 30.34 1.37
CA TYR A 102 -19.37 30.53 1.60
C TYR A 102 -19.10 31.90 2.19
N SER A 103 -18.30 31.95 3.25
CA SER A 103 -18.02 33.24 3.86
C SER A 103 -16.96 33.99 3.06
N ALA A 104 -16.92 35.32 3.26
CA ALA A 104 -15.91 36.13 2.60
C ALA A 104 -14.51 35.68 2.97
N GLU A 105 -14.28 35.33 4.25
CA GLU A 105 -12.97 34.85 4.64
C GLU A 105 -12.64 33.50 4.02
N PHE A 106 -13.65 32.63 3.84
CA PHE A 106 -13.45 31.37 3.12
C PHE A 106 -13.01 31.64 1.68
N LEU A 107 -13.68 32.56 1.00
CA LEU A 107 -13.35 32.85 -0.40
C LEU A 107 -11.92 33.36 -0.54
N LEU A 108 -11.48 34.18 0.41
CA LEU A 108 -10.08 34.62 0.43
C LEU A 108 -9.14 33.41 0.47
N TRP A 109 -9.41 32.49 1.39
CA TRP A 109 -8.59 31.29 1.53
C TRP A 109 -8.65 30.45 0.25
N ALA A 110 -9.83 30.24 -0.29
CA ALA A 110 -10.00 29.32 -1.40
C ALA A 110 -9.33 29.82 -2.68
N LEU A 111 -9.18 31.13 -2.83
CA LEU A 111 -8.78 31.71 -4.11
C LEU A 111 -7.34 32.24 -4.15
N THR A 112 -6.66 32.36 -3.00
CA THR A 112 -5.31 32.93 -2.97
C THR A 112 -4.26 31.91 -2.54
N SER A 113 -4.39 30.69 -3.03
CA SER A 113 -3.42 29.64 -2.80
C SER A 113 -2.09 29.99 -3.45
N PRO A 114 -1.01 29.26 -3.15
CA PRO A 114 0.30 29.64 -3.70
C PRO A 114 0.29 29.74 -5.22
N ASN A 115 0.91 30.81 -5.72
CA ASN A 115 1.09 31.12 -7.12
C ASN A 115 -0.22 31.39 -7.84
N TYR A 116 -1.29 31.70 -7.11
CA TYR A 116 -2.56 32.03 -7.75
C TYR A 116 -2.40 33.26 -8.64
N LEU A 117 -3.30 33.40 -9.61
CA LEU A 117 -3.31 34.54 -10.54
C LEU A 117 -4.59 35.35 -10.34
N LYS A 118 -4.43 36.63 -10.06
CA LYS A 118 -5.58 37.54 -9.98
C LYS A 118 -6.41 37.50 -11.25
N THR A 119 -5.76 37.36 -12.39
CA THR A 119 -6.47 37.43 -13.66
C THR A 119 -7.26 36.15 -13.95
N TRP A 120 -7.19 35.15 -13.08
CA TRP A 120 -8.06 33.98 -13.15
C TRP A 120 -9.29 34.12 -12.26
N HIS A 121 -9.53 35.29 -11.70
CA HIS A 121 -10.68 35.56 -10.84
C HIS A 121 -11.55 36.56 -11.63
N ILE A 122 -12.49 36.04 -12.41
CA ILE A 122 -13.12 36.79 -13.50
C ILE A 122 -14.58 37.07 -13.18
N GLY A 123 -14.94 38.35 -13.14
CA GLY A 123 -16.33 38.73 -12.94
C GLY A 123 -16.92 39.31 -14.21
N VAL A 124 -18.25 39.36 -14.26
CA VAL A 124 -18.99 40.07 -15.30
C VAL A 124 -19.87 41.08 -14.58
N LYS A 125 -19.77 42.34 -14.97
CA LYS A 125 -20.64 43.38 -14.42
C LYS A 125 -21.72 43.79 -15.40
N TYR A 126 -22.88 44.11 -14.85
CA TYR A 126 -23.93 44.79 -15.62
C TYR A 126 -23.61 46.28 -15.60
N ASP A 127 -23.32 46.85 -16.78
CA ASP A 127 -22.77 48.21 -16.86
C ASP A 127 -23.66 49.24 -16.16
N ALA A 128 -24.98 49.15 -16.38
CA ALA A 128 -25.88 50.22 -15.93
C ALA A 128 -25.90 50.37 -14.41
N SER A 129 -25.76 49.28 -13.68
CA SER A 129 -25.79 49.28 -12.22
C SER A 129 -24.41 49.15 -11.60
N ASN A 130 -23.41 48.81 -12.42
CA ASN A 130 -22.05 48.54 -11.96
C ASN A 130 -22.02 47.39 -10.96
N LYS A 131 -22.94 46.43 -11.11
CA LYS A 131 -23.01 45.32 -10.16
C LYS A 131 -22.57 44.01 -10.80
N LEU A 132 -21.89 43.19 -10.03
CA LEU A 132 -21.45 41.88 -10.47
C LEU A 132 -22.65 40.98 -10.72
N ILE A 133 -22.74 40.37 -11.91
CA ILE A 133 -23.79 39.40 -12.19
C ILE A 133 -23.25 38.03 -12.58
N GLY A 134 -21.92 37.88 -12.71
CA GLY A 134 -21.35 36.59 -13.07
C GLY A 134 -19.94 36.48 -12.52
N PHE A 135 -19.52 35.25 -12.26
CA PHE A 135 -18.19 34.99 -11.71
C PHE A 135 -17.73 33.60 -12.13
N ILE A 136 -16.41 33.45 -12.30
CA ILE A 136 -15.78 32.14 -12.45
C ILE A 136 -14.34 32.30 -11.98
N SER A 137 -13.78 31.23 -11.41
CA SER A 137 -12.42 31.32 -10.87
C SER A 137 -11.64 30.05 -11.18
N ALA A 138 -10.32 30.20 -11.17
CA ALA A 138 -9.45 29.02 -11.20
C ALA A 138 -8.21 29.30 -10.36
N ILE A 139 -7.62 28.24 -9.83
CA ILE A 139 -6.31 28.34 -9.19
C ILE A 139 -5.38 27.27 -9.76
N PRO A 140 -4.07 27.50 -9.80
CA PRO A 140 -3.15 26.51 -10.38
C PRO A 140 -2.74 25.44 -9.37
N THR A 141 -2.61 24.20 -9.85
CA THR A 141 -2.25 23.08 -8.99
C THR A 141 -1.65 21.98 -9.84
N ASP A 142 -0.70 21.23 -9.27
CA ASP A 142 -0.17 20.02 -9.90
C ASP A 142 -1.12 18.86 -9.61
N ILE A 143 -1.63 18.23 -10.66
CA ILE A 143 -2.61 17.15 -10.53
C ILE A 143 -1.98 15.88 -11.08
N CYS A 144 -2.00 14.81 -10.28
CA CYS A 144 -1.48 13.52 -10.69
C CYS A 144 -2.66 12.64 -11.11
N ILE A 145 -2.74 12.33 -12.41
CA ILE A 145 -3.85 11.54 -12.94
C ILE A 145 -3.24 10.26 -13.48
N HIS A 146 -3.66 9.12 -12.93
CA HIS A 146 -3.09 7.82 -13.27
C HIS A 146 -1.57 7.88 -13.30
N LYS A 147 -0.98 8.39 -12.21
CA LYS A 147 0.46 8.42 -11.97
C LYS A 147 1.22 9.41 -12.87
N ARG A 148 0.53 10.20 -13.67
CA ARG A 148 1.16 11.24 -14.49
C ARG A 148 0.82 12.62 -13.93
N THR A 149 1.84 13.42 -13.63
CA THR A 149 1.60 14.71 -12.98
C THR A 149 1.61 15.83 -14.00
N ILE A 150 0.54 16.61 -14.01
CA ILE A 150 0.27 17.65 -15.01
C ILE A 150 -0.07 18.93 -14.26
N LYS A 151 0.52 20.05 -14.70
CA LYS A 151 0.11 21.35 -14.18
C LYS A 151 -1.29 21.66 -14.68
N MET A 152 -2.23 21.91 -13.77
CA MET A 152 -3.61 22.15 -14.16
C MET A 152 -4.16 23.39 -13.49
N ALA A 153 -5.30 23.85 -14.00
CA ALA A 153 -6.15 24.81 -13.31
C ALA A 153 -7.28 24.07 -12.63
N GLU A 154 -7.60 24.45 -11.40
CA GLU A 154 -8.76 23.94 -10.69
C GLU A 154 -9.86 25.00 -10.75
N VAL A 155 -10.98 24.68 -11.43
CA VAL A 155 -12.04 25.66 -11.73
C VAL A 155 -13.17 25.53 -10.73
N ASN A 156 -13.64 26.66 -10.20
CA ASN A 156 -14.64 26.62 -9.14
C ASN A 156 -15.40 27.93 -9.15
N PHE A 157 -16.53 27.94 -8.44
CA PHE A 157 -17.30 29.16 -8.15
C PHE A 157 -17.88 29.80 -9.41
N LEU A 158 -18.18 28.98 -10.43
CA LEU A 158 -18.94 29.46 -11.58
C LEU A 158 -20.36 29.82 -11.15
N CYS A 159 -20.78 31.05 -11.45
CA CYS A 159 -22.07 31.53 -10.96
C CYS A 159 -22.61 32.61 -11.87
N VAL A 160 -23.85 32.43 -12.31
CA VAL A 160 -24.58 33.45 -13.06
C VAL A 160 -25.82 33.85 -12.25
N HIS A 161 -26.07 35.15 -12.17
CA HIS A 161 -27.22 35.68 -11.42
C HIS A 161 -28.50 34.95 -11.81
N LYS A 162 -29.36 34.68 -10.82
CA LYS A 162 -30.59 33.94 -11.06
C LYS A 162 -31.45 34.57 -12.16
N THR A 163 -31.43 35.89 -12.29
CA THR A 163 -32.26 36.57 -13.28
C THR A 163 -31.73 36.42 -14.70
N LEU A 164 -30.53 35.89 -14.89
CA LEU A 164 -29.91 35.78 -16.20
C LEU A 164 -29.60 34.34 -16.59
N ARG A 165 -30.31 33.37 -16.00
CA ARG A 165 -30.07 31.96 -16.28
C ARG A 165 -30.57 31.56 -17.66
N SER A 166 -29.90 30.57 -18.25
CA SER A 166 -30.28 29.95 -19.52
C SER A 166 -30.16 30.92 -20.70
N LYS A 167 -29.24 31.87 -20.61
CA LYS A 167 -28.94 32.80 -21.70
C LYS A 167 -27.60 32.50 -22.34
N ARG A 168 -27.00 31.35 -22.02
CA ARG A 168 -25.72 30.93 -22.57
C ARG A 168 -24.56 31.81 -22.08
N LEU A 169 -24.70 32.43 -20.90
CA LEU A 169 -23.56 33.15 -20.34
C LEU A 169 -22.48 32.22 -19.82
N ALA A 170 -22.85 31.06 -19.28
CA ALA A 170 -21.84 30.18 -18.70
C ALA A 170 -20.78 29.75 -19.72
N PRO A 171 -21.14 29.33 -20.95
CA PRO A 171 -20.09 29.04 -21.94
C PRO A 171 -19.14 30.21 -22.20
N VAL A 172 -19.61 31.46 -22.12
CA VAL A 172 -18.70 32.59 -22.32
C VAL A 172 -17.71 32.68 -21.17
N LEU A 173 -18.20 32.54 -19.93
CA LEU A 173 -17.31 32.51 -18.78
C LEU A 173 -16.29 31.36 -18.89
N ILE A 174 -16.75 30.17 -19.30
CA ILE A 174 -15.85 29.03 -19.40
C ILE A 174 -14.82 29.27 -20.52
N LYS A 175 -15.25 29.79 -21.67
CA LYS A 175 -14.27 30.01 -22.73
C LYS A 175 -13.27 31.11 -22.35
N GLU A 176 -13.71 32.13 -21.61
CA GLU A 176 -12.81 33.21 -21.26
C GLU A 176 -11.77 32.75 -20.23
N ILE A 177 -12.19 31.96 -19.24
CA ILE A 177 -11.17 31.51 -18.29
C ILE A 177 -10.26 30.48 -18.95
N THR A 178 -10.78 29.68 -19.89
CA THR A 178 -9.92 28.77 -20.63
C THR A 178 -8.81 29.54 -21.33
N ARG A 179 -9.19 30.64 -21.99
CA ARG A 179 -8.22 31.48 -22.70
C ARG A 179 -7.15 32.01 -21.75
N ARG A 180 -7.57 32.50 -20.59
CA ARG A 180 -6.61 33.09 -19.66
C ARG A 180 -5.69 32.04 -19.05
N ILE A 181 -6.21 30.84 -18.81
CA ILE A 181 -5.38 29.72 -18.33
C ILE A 181 -4.37 29.30 -19.41
N ASN A 182 -4.83 29.22 -20.66
CA ASN A 182 -3.94 28.86 -21.76
C ASN A 182 -2.80 29.87 -21.92
N LEU A 183 -3.06 31.16 -21.64
CA LEU A 183 -2.01 32.17 -21.74
C LEU A 183 -0.83 31.84 -20.83
N GLU A 184 -1.06 31.07 -19.77
CA GLU A 184 -0.01 30.69 -18.84
C GLU A 184 0.60 29.33 -19.19
N ASN A 185 0.35 28.83 -20.40
CA ASN A 185 0.89 27.56 -20.89
C ASN A 185 0.36 26.37 -20.09
N ILE A 186 -0.90 26.46 -19.67
CA ILE A 186 -1.62 25.39 -18.97
C ILE A 186 -2.78 24.98 -19.84
N TRP A 187 -2.90 23.67 -20.10
CA TRP A 187 -3.81 23.17 -21.13
C TRP A 187 -4.80 22.14 -20.61
N GLN A 188 -4.79 21.89 -19.31
CA GLN A 188 -5.67 20.91 -18.65
C GLN A 188 -6.30 21.56 -17.43
N ALA A 189 -7.48 21.08 -17.05
CA ALA A 189 -8.12 21.57 -15.84
C ALA A 189 -8.84 20.41 -15.14
N ILE A 190 -9.08 20.60 -13.84
CA ILE A 190 -9.92 19.71 -13.06
C ILE A 190 -11.09 20.53 -12.51
N TYR A 191 -12.27 19.92 -12.49
CA TYR A 191 -13.45 20.60 -11.97
C TYR A 191 -14.46 19.55 -11.50
N THR A 192 -15.36 19.99 -10.62
CA THR A 192 -16.45 19.12 -10.17
C THR A 192 -17.77 19.83 -10.39
N ALA A 193 -18.84 19.05 -10.54
CA ALA A 193 -20.18 19.60 -10.64
C ALA A 193 -21.16 18.54 -10.18
N GLY A 194 -22.34 19.01 -9.76
CA GLY A 194 -23.44 18.11 -9.50
C GLY A 194 -24.16 17.68 -10.75
N VAL A 195 -24.19 18.54 -11.77
CA VAL A 195 -24.83 18.22 -13.04
C VAL A 195 -23.95 17.23 -13.82
N TYR A 196 -24.61 16.36 -14.59
CA TYR A 196 -23.92 15.39 -15.43
C TYR A 196 -23.55 16.05 -16.75
N LEU A 197 -22.27 16.06 -17.06
CA LEU A 197 -21.68 16.65 -18.27
C LEU A 197 -20.76 15.62 -18.92
N PRO A 198 -20.37 15.84 -20.16
CA PRO A 198 -19.37 14.95 -20.79
C PRO A 198 -17.97 15.26 -20.28
N LYS A 199 -17.30 14.29 -19.62
CA LYS A 199 -17.82 13.02 -19.12
C LYS A 199 -17.05 12.75 -17.81
N PRO A 200 -17.73 12.31 -16.75
CA PRO A 200 -17.03 12.16 -15.46
C PRO A 200 -15.88 11.17 -15.54
N VAL A 201 -14.74 11.51 -14.93
CA VAL A 201 -13.73 10.49 -14.68
C VAL A 201 -14.07 9.69 -13.43
N SER A 202 -14.84 10.26 -12.51
CA SER A 202 -15.36 9.53 -11.35
C SER A 202 -16.60 10.25 -10.86
N ASP A 203 -17.39 9.55 -10.03
CA ASP A 203 -18.69 10.06 -9.57
C ASP A 203 -18.85 9.64 -8.12
N ALA A 204 -19.00 10.60 -7.19
CA ALA A 204 -18.98 10.30 -5.75
C ALA A 204 -20.26 10.81 -5.07
N ARG A 205 -21.09 9.90 -4.58
CA ARG A 205 -22.21 10.27 -3.73
C ARG A 205 -21.71 10.91 -2.44
N TYR A 206 -22.49 11.87 -1.92
CA TYR A 206 -22.20 12.45 -0.61
C TYR A 206 -23.13 11.89 0.47
N TYR A 207 -22.60 11.85 1.70
CA TYR A 207 -23.24 11.31 2.88
C TYR A 207 -23.16 12.31 4.02
N HIS A 208 -24.09 12.20 4.98
CA HIS A 208 -24.24 13.20 6.03
C HIS A 208 -24.34 12.52 7.39
N ARG A 209 -23.52 12.97 8.35
CA ARG A 209 -23.55 12.47 9.71
C ARG A 209 -24.18 13.52 10.62
N SER A 210 -25.36 13.23 11.13
CA SER A 210 -26.05 14.17 12.01
C SER A 210 -25.29 14.41 13.30
N ILE A 211 -25.17 15.69 13.69
CA ILE A 211 -24.61 16.07 14.97
C ILE A 211 -25.65 16.75 15.86
N ASN A 212 -26.29 17.81 15.35
CA ASN A 212 -27.38 18.50 16.05
CA ASN A 212 -27.37 18.48 16.06
C ASN A 212 -28.70 18.00 15.47
N VAL A 213 -29.16 16.87 15.98
CA VAL A 213 -30.20 16.20 15.21
CA VAL A 213 -30.26 16.10 15.37
C VAL A 213 -31.55 16.92 15.35
N LYS A 214 -31.85 17.59 16.47
CA LYS A 214 -33.12 18.28 16.57
C LYS A 214 -33.21 19.41 15.54
N LYS A 215 -32.14 20.19 15.38
CA LYS A 215 -32.13 21.22 14.36
C LYS A 215 -32.28 20.63 12.97
N LEU A 216 -31.57 19.55 12.68
CA LEU A 216 -31.65 18.94 11.35
C LEU A 216 -33.08 18.48 11.06
N ILE A 217 -33.79 17.96 12.06
CA ILE A 217 -35.17 17.57 11.85
CA ILE A 217 -35.18 17.57 11.87
C ILE A 217 -36.05 18.79 11.61
N GLU A 218 -35.87 19.84 12.43
CA GLU A 218 -36.74 21.02 12.33
C GLU A 218 -36.58 21.76 11.01
N ILE A 219 -35.41 21.68 10.37
CA ILE A 219 -35.23 22.37 9.09
C ILE A 219 -35.49 21.47 7.88
N GLY A 220 -35.87 20.21 8.09
CA GLY A 220 -36.19 19.32 6.99
C GLY A 220 -35.00 18.62 6.38
N PHE A 221 -33.83 18.66 7.02
CA PHE A 221 -32.65 17.96 6.52
C PHE A 221 -32.71 16.46 6.83
N SER A 222 -33.18 16.11 8.03
CA SER A 222 -33.36 14.73 8.47
C SER A 222 -34.82 14.48 8.78
N SER A 223 -35.17 13.21 9.00
CA SER A 223 -36.56 12.83 9.26
C SER A 223 -36.64 11.86 10.43
N LEU A 224 -37.84 11.75 10.99
CA LEU A 224 -38.20 10.80 12.03
C LEU A 224 -39.24 9.82 11.50
N ASN A 225 -39.51 8.77 12.28
CA ASN A 225 -40.62 7.86 12.01
C ASN A 225 -41.07 7.23 13.32
N SER A 226 -42.09 6.38 13.24
CA SER A 226 -42.68 5.80 14.45
C SER A 226 -41.66 5.01 15.26
N ARG A 227 -40.70 4.37 14.58
CA ARG A 227 -39.62 3.67 15.28
C ARG A 227 -38.57 4.65 15.79
N LEU A 228 -38.30 5.71 15.04
CA LEU A 228 -37.30 6.71 15.42
C LEU A 228 -38.02 7.98 15.88
N THR A 229 -38.36 8.00 17.17
CA THR A 229 -38.87 9.20 17.82
C THR A 229 -37.76 10.24 17.99
N MET A 230 -38.14 11.46 18.37
CA MET A 230 -37.14 12.50 18.58
C MET A 230 -36.09 12.07 19.60
N SER A 231 -36.53 11.58 20.76
CA SER A 231 -35.58 11.20 21.80
C SER A 231 -34.69 10.06 21.34
N ARG A 232 -35.25 9.11 20.57
CA ARG A 232 -34.45 8.00 20.07
C ARG A 232 -33.42 8.46 19.05
N ALA A 233 -33.80 9.41 18.19
CA ALA A 233 -32.84 9.97 17.24
C ALA A 233 -31.71 10.67 17.97
N ILE A 234 -32.04 11.49 18.96
CA ILE A 234 -31.01 12.19 19.72
C ILE A 234 -30.03 11.20 20.35
N LYS A 235 -30.57 10.10 20.89
CA LYS A 235 -29.68 9.12 21.51
C LYS A 235 -28.84 8.38 20.47
N LEU A 236 -29.43 8.10 19.30
CA LEU A 236 -28.71 7.39 18.25
C LEU A 236 -27.45 8.15 17.83
N TYR A 237 -27.55 9.48 17.69
CA TYR A 237 -26.43 10.27 17.19
C TYR A 237 -25.59 10.90 18.29
N ARG A 238 -25.93 10.68 19.57
CA ARG A 238 -25.09 11.17 20.66
C ARG A 238 -23.69 10.58 20.54
N VAL A 239 -22.67 11.40 20.84
CA VAL A 239 -21.29 10.91 20.80
C VAL A 239 -20.59 11.17 22.14
N GLU A 240 -19.59 10.33 22.42
CA GLU A 240 -18.79 10.48 23.63
C GLU A 240 -17.77 11.60 23.41
N ASP A 241 -17.67 12.50 24.37
CA ASP A 241 -16.78 13.64 24.22
C ASP A 241 -15.34 13.30 24.61
N THR A 242 -14.82 12.19 24.11
CA THR A 242 -13.44 11.78 24.36
C THR A 242 -12.83 11.24 23.07
N LEU A 243 -11.65 11.74 22.73
CA LEU A 243 -10.97 11.37 21.49
C LEU A 243 -10.35 9.98 21.56
N ASN A 244 -10.43 9.25 20.46
CA ASN A 244 -9.69 7.99 20.33
C ASN A 244 -8.19 8.21 20.29
N ILE A 245 -7.76 9.32 19.71
CA ILE A 245 -6.36 9.72 19.64
C ILE A 245 -6.22 10.93 20.55
N LYS A 246 -5.74 10.70 21.79
CA LYS A 246 -5.91 11.69 22.85
C LYS A 246 -5.16 13.00 22.56
N ASN A 247 -4.05 12.95 21.83
CA ASN A 247 -3.25 14.16 21.63
C ASN A 247 -3.59 14.93 20.33
N MET A 248 -4.67 14.59 19.64
N MET A 248 -4.66 14.58 19.64
CA MET A 248 -5.12 15.38 18.50
CA MET A 248 -5.12 15.37 18.49
C MET A 248 -5.23 16.85 18.88
C MET A 248 -5.24 16.84 18.88
N ARG A 249 -4.51 17.71 18.19
CA ARG A 249 -4.46 19.13 18.51
C ARG A 249 -4.41 19.94 17.22
N LEU A 250 -4.78 21.21 17.32
CA LEU A 250 -4.74 22.07 16.14
C LEU A 250 -3.34 22.12 15.52
N MET A 251 -3.29 22.03 14.20
CA MET A 251 -2.03 22.15 13.47
C MET A 251 -1.41 23.52 13.69
N LYS A 252 -0.08 23.55 13.75
CA LYS A 252 0.70 24.78 13.81
C LYS A 252 1.75 24.76 12.70
N LYS A 253 2.39 25.91 12.50
CA LYS A 253 3.38 26.04 11.42
C LYS A 253 4.51 25.02 11.55
N LYS A 254 4.91 24.68 12.78
CA LYS A 254 5.96 23.67 12.94
C LYS A 254 5.58 22.32 12.33
N ASP A 255 4.30 22.05 12.15
CA ASP A 255 3.81 20.74 11.67
C ASP A 255 3.79 20.63 10.15
N VAL A 256 4.16 21.68 9.41
CA VAL A 256 3.97 21.68 7.95
C VAL A 256 4.78 20.55 7.31
N GLU A 257 6.05 20.44 7.68
CA GLU A 257 6.89 19.38 7.10
C GLU A 257 6.29 18.01 7.36
N GLY A 258 5.84 17.76 8.59
CA GLY A 258 5.28 16.46 8.93
C GLY A 258 3.97 16.16 8.23
N VAL A 259 3.08 17.16 8.12
CA VAL A 259 1.85 16.94 7.36
C VAL A 259 2.16 16.70 5.89
N HIS A 260 3.12 17.45 5.33
CA HIS A 260 3.52 17.25 3.95
C HIS A 260 3.93 15.79 3.70
N LYS A 261 4.71 15.20 4.61
CA LYS A 261 5.13 13.81 4.47
C LYS A 261 3.95 12.85 4.65
N LEU A 262 3.20 13.00 5.76
CA LEU A 262 2.12 12.08 6.06
C LEU A 262 1.07 12.06 4.94
N LEU A 263 0.57 13.23 4.55
CA LEU A 263 -0.49 13.28 3.55
C LEU A 263 0.05 12.96 2.17
N GLY A 264 1.23 13.49 1.84
CA GLY A 264 1.85 13.20 0.55
C GLY A 264 2.05 11.72 0.30
N SER A 265 2.55 10.99 1.32
CA SER A 265 2.71 9.55 1.18
C SER A 265 1.36 8.86 0.99
N TYR A 266 0.37 9.25 1.78
CA TYR A 266 -0.96 8.64 1.69
C TYR A 266 -1.58 8.84 0.30
N LEU A 267 -1.46 10.03 -0.27
CA LEU A 267 -2.20 10.33 -1.49
C LEU A 267 -1.64 9.62 -2.71
N GLU A 268 -0.38 9.17 -2.69
CA GLU A 268 0.22 8.56 -3.88
C GLU A 268 -0.52 7.30 -4.33
N GLN A 269 -1.33 6.69 -3.47
CA GLN A 269 -2.03 5.47 -3.85
C GLN A 269 -3.18 5.73 -4.82
N PHE A 270 -3.67 6.96 -4.93
CA PHE A 270 -4.92 7.21 -5.63
C PHE A 270 -4.69 7.53 -7.10
N ASN A 271 -5.77 7.36 -7.90
CA ASN A 271 -5.72 7.60 -9.33
C ASN A 271 -5.83 9.08 -9.68
N LEU A 272 -6.17 9.92 -8.72
CA LEU A 272 -6.33 11.35 -8.97
C LEU A 272 -6.07 12.09 -7.67
N TYR A 273 -5.06 12.94 -7.65
CA TYR A 273 -4.78 13.69 -6.42
C TYR A 273 -3.92 14.89 -6.77
N ALA A 274 -3.89 15.86 -5.85
CA ALA A 274 -3.03 17.03 -5.99
C ALA A 274 -1.68 16.73 -5.35
N VAL A 275 -0.61 17.14 -6.03
CA VAL A 275 0.75 16.94 -5.51
C VAL A 275 1.10 18.23 -4.78
N PHE A 276 0.86 18.26 -3.48
CA PHE A 276 1.05 19.49 -2.69
C PHE A 276 2.53 19.76 -2.44
N THR A 277 2.95 21.01 -2.66
CA THR A 277 4.23 21.48 -2.15
C THR A 277 4.09 21.81 -0.66
N LYS A 278 5.21 22.05 0.01
CA LYS A 278 5.13 22.46 1.40
C LYS A 278 4.41 23.79 1.55
N GLU A 279 4.60 24.71 0.59
CA GLU A 279 3.90 25.98 0.66
C GLU A 279 2.39 25.78 0.52
N GLU A 280 2.00 24.82 -0.31
CA GLU A 280 0.58 24.51 -0.45
C GLU A 280 0.03 23.82 0.80
N ILE A 281 0.82 22.95 1.45
CA ILE A 281 0.37 22.36 2.70
C ILE A 281 0.08 23.45 3.73
N ALA A 282 1.00 24.41 3.86
CA ALA A 282 0.79 25.48 4.82
C ALA A 282 -0.49 26.24 4.52
N HIS A 283 -0.70 26.57 3.24
CA HIS A 283 -1.90 27.34 2.89
C HIS A 283 -3.17 26.53 3.13
N TRP A 284 -3.21 25.29 2.64
CA TRP A 284 -4.48 24.58 2.63
C TRP A 284 -4.84 23.99 3.99
N PHE A 285 -3.90 23.90 4.94
CA PHE A 285 -4.20 23.21 6.20
C PHE A 285 -4.01 24.01 7.48
N LEU A 286 -3.16 25.04 7.51
CA LEU A 286 -3.01 25.79 8.75
C LEU A 286 -4.36 26.42 9.14
N PRO A 287 -4.80 26.25 10.37
CA PRO A 287 -6.23 26.48 10.68
C PRO A 287 -6.62 27.96 10.67
N ILE A 288 -7.83 28.21 10.21
CA ILE A 288 -8.43 29.55 10.20
C ILE A 288 -9.83 29.40 10.77
N GLU A 289 -10.14 30.16 11.81
CA GLU A 289 -11.45 30.02 12.45
C GLU A 289 -12.57 30.22 11.45
N ASN A 290 -13.57 29.34 11.51
CA ASN A 290 -14.75 29.36 10.63
C ASN A 290 -14.40 29.17 9.15
N VAL A 291 -13.24 28.58 8.85
CA VAL A 291 -12.85 28.32 7.46
C VAL A 291 -12.29 26.92 7.32
N ILE A 292 -11.14 26.66 7.94
CA ILE A 292 -10.45 25.38 7.79
C ILE A 292 -9.91 24.93 9.14
N TYR A 293 -10.16 23.68 9.50
CA TYR A 293 -9.74 23.07 10.76
C TYR A 293 -8.87 21.88 10.46
N THR A 294 -7.64 21.88 10.96
CA THR A 294 -6.74 20.72 10.84
C THR A 294 -6.21 20.38 12.23
N TYR A 295 -6.33 19.10 12.59
CA TYR A 295 -5.83 18.57 13.86
C TYR A 295 -4.81 17.49 13.56
N VAL A 296 -3.76 17.41 14.38
CA VAL A 296 -2.67 16.48 14.14
C VAL A 296 -2.34 15.73 15.42
N ASN A 297 -1.82 14.53 15.26
CA ASN A 297 -1.23 13.75 16.34
C ASN A 297 0.27 13.67 16.12
N GLU A 298 1.03 14.29 17.01
CA GLU A 298 2.49 14.30 16.93
C GLU A 298 3.06 13.34 17.94
N GLU A 299 3.94 12.46 17.48
CA GLU A 299 4.57 11.44 18.30
CA GLU A 299 4.56 11.43 18.29
C GLU A 299 6.04 11.37 17.93
N ASN A 300 6.91 11.53 18.93
CA ASN A 300 8.36 11.50 18.70
C ASN A 300 8.78 12.50 17.62
N GLY A 301 8.15 13.67 17.62
CA GLY A 301 8.45 14.70 16.64
C GLY A 301 7.93 14.43 15.25
N LYS A 302 7.15 13.37 15.05
CA LYS A 302 6.59 13.06 13.74
C LYS A 302 5.08 13.20 13.78
N ILE A 303 4.50 13.69 12.69
CA ILE A 303 3.06 13.75 12.55
C ILE A 303 2.60 12.39 12.03
N LYS A 304 1.85 11.65 12.87
CA LYS A 304 1.44 10.30 12.52
C LYS A 304 -0.03 10.18 12.16
N ASP A 305 -0.84 11.21 12.43
CA ASP A 305 -2.27 11.19 12.11
C ASP A 305 -2.72 12.62 11.89
N MET A 306 -3.67 12.82 10.97
CA MET A 306 -4.27 14.14 10.76
C MET A 306 -5.75 14.02 10.43
N ILE A 307 -6.48 15.06 10.84
CA ILE A 307 -7.90 15.22 10.56
C ILE A 307 -8.06 16.64 10.02
N SER A 308 -8.88 16.81 8.97
CA SER A 308 -9.17 18.17 8.51
C SER A 308 -10.57 18.25 7.92
N PHE A 309 -11.23 19.37 8.15
CA PHE A 309 -12.54 19.66 7.60
C PHE A 309 -12.67 21.16 7.43
N TYR A 310 -13.45 21.58 6.43
CA TYR A 310 -13.69 22.99 6.23
C TYR A 310 -15.14 23.35 6.53
N SER A 311 -15.37 24.63 6.80
CA SER A 311 -16.68 25.16 7.17
C SER A 311 -17.38 25.70 5.93
N LEU A 312 -18.52 25.12 5.59
CA LEU A 312 -19.35 25.62 4.48
C LEU A 312 -20.79 25.64 4.94
N PRO A 313 -21.28 26.78 5.41
CA PRO A 313 -22.67 26.89 5.84
C PRO A 313 -23.60 26.93 4.63
N SER A 314 -24.83 26.47 4.85
CA SER A 314 -25.89 26.65 3.86
C SER A 314 -26.96 27.55 4.45
N GLN A 315 -27.31 28.60 3.70
CA GLN A 315 -28.47 29.40 4.07
C GLN A 315 -29.71 28.53 3.99
N ILE A 316 -30.56 28.61 5.02
CA ILE A 316 -31.81 27.86 5.05
C ILE A 316 -32.89 28.78 4.50
N LEU A 317 -33.41 28.45 3.33
CA LEU A 317 -34.33 29.34 2.63
C LEU A 317 -35.71 29.29 3.29
N GLY A 318 -36.18 30.45 3.76
CA GLY A 318 -37.54 30.55 4.23
C GLY A 318 -37.85 29.89 5.55
N ASN A 319 -36.85 29.61 6.38
CA ASN A 319 -37.06 29.06 7.72
C ASN A 319 -37.03 30.21 8.71
N ASP A 320 -38.10 30.34 9.50
CA ASP A 320 -38.22 31.48 10.41
C ASP A 320 -37.37 31.31 11.66
N LYS A 321 -36.99 30.08 12.02
CA LYS A 321 -36.24 29.88 13.24
C LYS A 321 -34.73 29.86 13.01
N TYR A 322 -34.29 29.20 11.95
CA TYR A 322 -32.87 29.02 11.65
C TYR A 322 -32.56 29.66 10.30
N SER A 323 -31.53 30.49 10.26
CA SER A 323 -31.07 31.05 9.00
C SER A 323 -29.97 30.24 8.35
N THR A 324 -29.17 29.50 9.13
CA THR A 324 -27.95 28.89 8.64
CA THR A 324 -28.00 28.85 8.57
C THR A 324 -27.82 27.46 9.13
N LEU A 325 -27.50 26.54 8.23
CA LEU A 325 -27.05 25.20 8.58
C LEU A 325 -25.54 25.24 8.68
N ASN A 326 -25.00 24.94 9.85
CA ASN A 326 -23.55 25.01 10.08
C ASN A 326 -22.96 23.63 9.76
N ALA A 327 -22.29 23.53 8.62
CA ALA A 327 -21.84 22.24 8.12
C ALA A 327 -20.32 22.16 8.03
N ALA A 328 -19.76 21.07 8.56
CA ALA A 328 -18.35 20.74 8.41
C ALA A 328 -18.22 19.73 7.29
N TYR A 329 -17.28 19.96 6.37
CA TYR A 329 -17.04 19.10 5.23
C TYR A 329 -15.70 18.39 5.37
N SER A 330 -15.73 17.05 5.34
CA SER A 330 -14.51 16.26 5.39
C SER A 330 -13.56 16.66 4.26
N PHE A 331 -12.27 16.86 4.60
CA PHE A 331 -11.28 17.34 3.65
C PHE A 331 -10.23 16.24 3.47
N TYR A 332 -9.13 16.26 4.22
CA TYR A 332 -8.16 15.16 4.15
C TYR A 332 -7.89 14.59 5.54
N ASN A 333 -7.94 13.25 5.63
CA ASN A 333 -7.80 12.50 6.87
C ASN A 333 -6.89 11.31 6.67
N VAL A 334 -5.87 11.15 7.51
CA VAL A 334 -4.90 10.07 7.40
C VAL A 334 -4.59 9.54 8.81
N THR A 335 -4.55 8.21 8.96
CA THR A 335 -4.16 7.66 10.26
C THR A 335 -3.10 6.58 10.08
N THR A 336 -2.11 6.58 10.98
CA THR A 336 -1.20 5.44 11.09
C THR A 336 -1.17 4.82 12.49
N THR A 337 -1.81 5.42 13.49
CA THR A 337 -1.81 4.83 14.82
C THR A 337 -3.19 4.40 15.29
N ALA A 338 -4.23 4.56 14.46
CA ALA A 338 -5.59 4.15 14.78
C ALA A 338 -6.20 3.51 13.55
N THR A 339 -7.41 2.97 13.68
CA THR A 339 -8.14 2.58 12.48
C THR A 339 -8.75 3.80 11.83
N PHE A 340 -9.07 3.67 10.54
CA PHE A 340 -9.71 4.79 9.86
C PHE A 340 -11.05 5.13 10.47
N LYS A 341 -11.78 4.11 10.97
CA LYS A 341 -13.04 4.38 11.64
C LYS A 341 -12.82 5.18 12.92
N GLN A 342 -11.82 4.80 13.72
CA GLN A 342 -11.51 5.56 14.93
C GLN A 342 -11.11 6.99 14.60
N LEU A 343 -10.37 7.17 13.49
CA LEU A 343 -9.95 8.51 13.10
C LEU A 343 -11.17 9.36 12.72
N MET A 344 -12.08 8.80 11.91
CA MET A 344 -13.24 9.56 11.46
C MET A 344 -14.25 9.76 12.58
N GLN A 345 -14.27 8.87 13.57
CA GLN A 345 -15.03 9.12 14.79
C GLN A 345 -14.51 10.37 15.52
N ASP A 346 -13.18 10.51 15.61
CA ASP A 346 -12.62 11.73 16.19
C ASP A 346 -12.90 12.95 15.32
N ALA A 347 -12.90 12.80 13.99
CA ALA A 347 -13.25 13.93 13.13
C ALA A 347 -14.66 14.45 13.43
N ILE A 348 -15.62 13.53 13.54
CA ILE A 348 -16.98 13.91 13.92
C ILE A 348 -16.97 14.64 15.26
N LEU A 349 -16.23 14.09 16.24
CA LEU A 349 -16.20 14.70 17.57
C LEU A 349 -15.63 16.10 17.51
N LEU A 350 -14.56 16.30 16.74
CA LEU A 350 -13.94 17.62 16.66
C LEU A 350 -14.86 18.61 15.97
N ALA A 351 -15.62 18.16 14.97
CA ALA A 351 -16.62 19.04 14.37
C ALA A 351 -17.69 19.41 15.37
N LYS A 352 -18.16 18.43 16.15
CA LYS A 352 -19.15 18.72 17.20
C LYS A 352 -18.60 19.75 18.20
N ARG A 353 -17.34 19.58 18.62
CA ARG A 353 -16.77 20.52 19.57
C ARG A 353 -16.67 21.93 19.02
N ASN A 354 -16.66 22.07 17.69
CA ASN A 354 -16.59 23.36 17.03
C ASN A 354 -17.97 23.85 16.60
N ASN A 355 -19.02 23.27 17.18
CA ASN A 355 -20.40 23.76 17.05
CA ASN A 355 -20.40 23.72 17.06
C ASN A 355 -20.99 23.53 15.67
N PHE A 356 -20.51 22.53 14.91
CA PHE A 356 -21.13 22.23 13.62
C PHE A 356 -22.35 21.33 13.82
N ASP A 357 -23.33 21.46 12.90
CA ASP A 357 -24.60 20.75 12.96
C ASP A 357 -24.57 19.39 12.29
N VAL A 358 -23.69 19.22 11.30
CA VAL A 358 -23.67 18.02 10.48
C VAL A 358 -22.24 17.90 9.97
N PHE A 359 -21.81 16.66 9.76
CA PHE A 359 -20.51 16.38 9.15
C PHE A 359 -20.74 15.67 7.82
N ASN A 360 -20.23 16.26 6.74
CA ASN A 360 -20.50 15.82 5.37
C ASN A 360 -19.24 15.22 4.75
N ALA A 361 -19.42 14.12 4.01
CA ALA A 361 -18.29 13.45 3.39
C ALA A 361 -18.70 12.81 2.07
N LEU A 362 -17.76 12.76 1.13
CA LEU A 362 -17.96 12.06 -0.14
C LEU A 362 -17.41 10.66 -0.02
N GLU A 363 -17.94 9.75 -0.85
CA GLU A 363 -17.40 8.39 -0.87
C GLU A 363 -16.07 8.33 -1.62
N VAL A 364 -15.12 9.19 -1.27
CA VAL A 364 -13.80 9.17 -1.88
C VAL A 364 -12.80 8.62 -0.86
N MET A 365 -11.59 8.33 -1.35
CA MET A 365 -10.51 7.79 -0.50
C MET A 365 -11.07 6.60 0.27
N GLN A 366 -10.83 6.49 1.58
CA GLN A 366 -11.34 5.38 2.40
C GLN A 366 -12.67 5.69 3.05
N ASN A 367 -13.35 6.79 2.68
CA ASN A 367 -14.46 7.26 3.50
C ASN A 367 -15.61 6.27 3.55
N LYS A 368 -15.95 5.65 2.41
CA LYS A 368 -17.19 4.88 2.40
C LYS A 368 -17.14 3.72 3.37
N SER A 369 -15.94 3.20 3.65
CA SER A 369 -15.77 2.06 4.54
C SER A 369 -16.22 2.35 5.97
N VAL A 370 -16.43 3.62 6.35
CA VAL A 370 -16.83 3.92 7.72
C VAL A 370 -18.26 4.47 7.82
N PHE A 371 -18.94 4.68 6.69
CA PHE A 371 -20.22 5.40 6.71
C PHE A 371 -21.28 4.64 7.49
N GLU A 372 -21.36 3.32 7.32
CA GLU A 372 -22.41 2.57 8.00
C GLU A 372 -22.17 2.52 9.50
N ASP A 373 -20.94 2.17 9.89
CA ASP A 373 -20.63 2.05 11.32
C ASP A 373 -20.76 3.38 12.06
N LEU A 374 -20.38 4.49 11.41
CA LEU A 374 -20.43 5.79 12.06
C LEU A 374 -21.75 6.53 11.81
N LYS A 375 -22.76 5.83 11.30
CA LYS A 375 -24.14 6.35 11.25
C LYS A 375 -24.29 7.54 10.29
N PHE A 376 -23.53 7.55 9.19
CA PHE A 376 -23.85 8.47 8.10
C PHE A 376 -25.11 8.02 7.36
N GLY A 377 -25.86 8.99 6.86
CA GLY A 377 -27.00 8.73 5.98
C GLY A 377 -26.65 9.11 4.54
N GLU A 378 -27.11 8.31 3.59
CA GLU A 378 -26.86 8.64 2.20
C GLU A 378 -27.64 9.90 1.79
N GLY A 379 -26.98 10.77 1.01
CA GLY A 379 -27.60 12.01 0.57
C GLY A 379 -28.45 11.83 -0.68
N ASP A 380 -28.78 12.96 -1.30
CA ASP A 380 -29.72 12.97 -2.42
C ASP A 380 -29.06 13.04 -3.80
N GLY A 381 -27.73 13.01 -3.88
CA GLY A 381 -27.12 13.16 -5.18
C GLY A 381 -25.64 12.82 -5.14
N SER A 382 -24.95 13.20 -6.21
CA SER A 382 -23.52 12.91 -6.31
C SER A 382 -22.78 14.10 -6.89
N LEU A 383 -21.49 14.13 -6.58
CA LEU A 383 -20.57 15.11 -7.15
C LEU A 383 -19.70 14.38 -8.17
N LYS A 384 -19.68 14.90 -9.40
CA LYS A 384 -18.93 14.31 -10.50
C LYS A 384 -17.59 15.03 -10.63
N TYR A 385 -16.53 14.26 -10.87
CA TYR A 385 -15.19 14.78 -11.13
C TYR A 385 -14.89 14.75 -12.62
N TYR A 386 -14.31 15.84 -13.12
CA TYR A 386 -14.07 16.03 -14.55
C TYR A 386 -12.65 16.50 -14.79
N LEU A 387 -12.09 16.14 -15.94
CA LEU A 387 -10.86 16.75 -16.44
C LEU A 387 -11.16 17.40 -17.77
N TYR A 388 -10.50 18.51 -18.04
CA TYR A 388 -10.60 19.19 -19.33
C TYR A 388 -9.34 18.89 -20.14
N ASN A 389 -9.53 18.50 -21.41
CA ASN A 389 -8.46 18.15 -22.34
C ASN A 389 -7.60 16.99 -21.80
N TRP A 390 -8.25 15.94 -21.31
CA TRP A 390 -7.53 14.74 -20.89
C TRP A 390 -8.40 13.52 -21.17
N LYS A 391 -7.83 12.50 -21.83
CA LYS A 391 -8.53 11.24 -22.00
C LYS A 391 -7.85 10.16 -21.17
N CYS A 392 -8.64 9.39 -20.45
CA CYS A 392 -8.12 8.36 -19.55
C CYS A 392 -9.27 7.48 -19.12
N ALA A 393 -8.93 6.36 -18.49
CA ALA A 393 -9.95 5.47 -17.96
C ALA A 393 -10.63 6.11 -16.76
N SER A 394 -11.94 5.88 -16.64
CA SER A 394 -12.65 6.32 -15.46
C SER A 394 -12.42 5.31 -14.33
N PHE A 395 -12.85 5.66 -13.12
CA PHE A 395 -12.60 4.80 -11.97
C PHE A 395 -13.63 5.03 -10.87
N ALA A 396 -13.74 4.05 -9.98
CA ALA A 396 -14.64 4.17 -8.85
C ALA A 396 -14.16 5.27 -7.90
N PRO A 397 -15.06 5.90 -7.15
CA PRO A 397 -14.67 7.08 -6.33
C PRO A 397 -13.72 6.78 -5.19
N ALA A 398 -13.61 5.53 -4.72
CA ALA A 398 -12.59 5.20 -3.73
C ALA A 398 -11.17 5.46 -4.26
N HIS A 399 -10.99 5.54 -5.58
CA HIS A 399 -9.69 5.85 -6.17
C HIS A 399 -9.46 7.35 -6.33
N VAL A 400 -10.47 8.16 -6.01
CA VAL A 400 -10.31 9.62 -6.00
C VAL A 400 -9.62 10.02 -4.70
N GLY A 401 -8.56 10.82 -4.83
CA GLY A 401 -7.83 11.32 -3.68
C GLY A 401 -7.72 12.83 -3.64
N ILE A 402 -8.75 13.54 -4.10
CA ILE A 402 -8.76 15.00 -4.06
C ILE A 402 -10.17 15.48 -3.73
N VAL A 403 -10.25 16.60 -3.01
CA VAL A 403 -11.50 17.20 -2.56
C VAL A 403 -11.46 18.67 -2.95
N LEU A 404 -12.37 19.08 -3.84
CA LEU A 404 -12.51 20.47 -4.28
C LEU A 404 -13.53 21.21 -3.43
N LEU A 405 -13.30 22.50 -3.23
CA LEU A 405 -14.07 23.24 -2.23
C LEU A 405 -15.51 23.52 -2.67
N PRO B 21 -25.65 -11.70 20.34
CA PRO B 21 -25.30 -13.12 20.35
C PRO B 21 -24.12 -13.41 21.28
N ASP B 22 -24.10 -14.59 21.89
CA ASP B 22 -23.06 -14.90 22.86
C ASP B 22 -21.78 -15.45 22.23
N TYR B 23 -21.86 -16.02 21.03
CA TYR B 23 -20.71 -16.65 20.37
C TYR B 23 -19.92 -17.55 21.32
N LYS B 24 -20.63 -18.45 22.00
CA LYS B 24 -20.02 -19.29 23.02
C LYS B 24 -18.90 -20.16 22.46
N PHE B 25 -19.07 -20.67 21.22
CA PHE B 25 -17.96 -21.43 20.65
C PHE B 25 -16.89 -20.51 20.09
N TRP B 26 -17.29 -19.51 19.29
CA TRP B 26 -16.28 -18.71 18.61
C TRP B 26 -15.43 -17.91 19.59
N TYR B 27 -15.97 -17.53 20.74
CA TYR B 27 -15.11 -16.78 21.64
C TYR B 27 -14.05 -17.66 22.32
N THR B 28 -14.14 -18.99 22.18
CA THR B 28 -13.03 -19.84 22.63
C THR B 28 -11.91 -19.93 21.60
N GLN B 29 -12.11 -19.39 20.39
CA GLN B 29 -11.18 -19.55 19.28
C GLN B 29 -10.30 -18.33 19.12
N PRO B 30 -9.12 -18.50 18.49
CA PRO B 30 -8.24 -17.36 18.19
C PRO B 30 -8.73 -16.56 16.98
N VAL B 31 -9.84 -15.85 17.19
CA VAL B 31 -10.41 -14.92 16.22
C VAL B 31 -10.71 -13.63 16.99
N PRO B 32 -10.95 -12.51 16.29
CA PRO B 32 -11.25 -11.26 17.01
C PRO B 32 -12.61 -11.32 17.70
N LYS B 33 -12.73 -10.64 18.84
CA LYS B 33 -14.06 -10.42 19.39
C LYS B 33 -14.81 -9.40 18.52
N ILE B 34 -16.13 -9.34 18.73
CA ILE B 34 -17.03 -8.57 17.87
C ILE B 34 -16.66 -7.08 17.85
N ASN B 35 -16.14 -6.56 18.95
CA ASN B 35 -15.77 -5.15 19.02
C ASN B 35 -14.27 -4.92 18.95
N ASP B 36 -13.50 -5.93 18.55
CA ASP B 36 -12.06 -5.77 18.34
C ASP B 36 -11.79 -5.06 17.03
N GLU B 37 -10.86 -4.09 17.04
CA GLU B 37 -10.36 -3.58 15.79
CA GLU B 37 -10.40 -3.37 15.86
C GLU B 37 -8.88 -3.27 15.90
N PHE B 38 -8.20 -3.52 14.77
CA PHE B 38 -6.75 -3.42 14.69
C PHE B 38 -6.33 -2.43 13.62
N ASN B 39 -5.28 -1.64 13.90
CA ASN B 39 -4.68 -0.72 12.94
CA ASN B 39 -4.90 -0.74 12.83
C ASN B 39 -4.03 -1.47 11.80
N GLU B 40 -3.73 -0.75 10.72
CA GLU B 40 -3.13 -1.40 9.55
C GLU B 40 -1.73 -1.92 9.83
N SER B 41 -1.04 -1.38 10.83
CA SER B 41 0.28 -1.89 11.22
C SER B 41 0.23 -3.21 11.99
N VAL B 42 -0.95 -3.73 12.29
CA VAL B 42 -1.10 -5.00 13.00
C VAL B 42 -1.38 -6.07 11.94
N ASN B 43 -0.56 -7.12 11.91
CA ASN B 43 -0.72 -8.12 10.87
C ASN B 43 0.04 -9.37 11.26
N GLU B 44 -0.54 -10.19 12.12
CA GLU B 44 0.20 -11.27 12.77
C GLU B 44 -0.81 -12.23 13.40
N PRO B 45 -0.38 -13.44 13.76
CA PRO B 45 -1.28 -14.39 14.42
C PRO B 45 -1.76 -13.90 15.78
N PHE B 46 -2.90 -14.45 16.23
CA PHE B 46 -3.24 -14.33 17.64
C PHE B 46 -2.34 -15.20 18.50
N ILE B 47 -1.99 -16.39 18.03
CA ILE B 47 -1.17 -17.35 18.76
C ILE B 47 -0.03 -17.76 17.85
N SER B 48 1.21 -17.54 18.31
CA SER B 48 2.40 -17.88 17.53
C SER B 48 3.14 -19.01 18.21
N ASP B 49 4.27 -19.42 17.61
CA ASP B 49 5.15 -20.44 18.18
C ASP B 49 4.41 -21.75 18.42
N ASN B 50 3.50 -22.08 17.51
CA ASN B 50 2.75 -23.32 17.58
C ASN B 50 3.66 -24.49 17.27
N LYS B 51 3.33 -25.66 17.83
CA LYS B 51 4.17 -26.86 17.67
C LYS B 51 3.34 -28.06 17.23
N VAL B 52 3.72 -28.66 16.10
CA VAL B 52 3.03 -29.86 15.62
C VAL B 52 3.03 -30.95 16.68
N GLU B 53 4.15 -31.10 17.40
CA GLU B 53 4.28 -32.21 18.35
C GLU B 53 3.27 -32.11 19.49
N ASP B 54 2.73 -30.91 19.74
CA ASP B 54 1.75 -30.69 20.80
C ASP B 54 0.30 -30.82 20.35
N VAL B 55 0.03 -30.93 19.04
CA VAL B 55 -1.36 -31.06 18.58
C VAL B 55 -1.98 -32.35 19.10
N ARG B 56 -3.27 -32.28 19.48
CA ARG B 56 -4.02 -33.46 19.87
C ARG B 56 -3.90 -34.53 18.80
N LYS B 57 -3.52 -35.74 19.19
CA LYS B 57 -3.39 -36.80 18.21
C LYS B 57 -4.65 -37.64 18.06
N ASP B 58 -5.64 -37.46 18.94
CA ASP B 58 -6.90 -38.19 18.92
C ASP B 58 -7.98 -37.40 18.18
N GLU B 59 -8.83 -38.09 17.42
CA GLU B 59 -10.00 -37.44 16.84
C GLU B 59 -10.94 -36.92 17.91
N TYR B 60 -11.64 -35.82 17.61
CA TYR B 60 -12.63 -35.30 18.54
C TYR B 60 -13.76 -36.32 18.73
N LYS B 61 -14.32 -36.33 19.94
CA LYS B 61 -15.41 -37.25 20.24
C LYS B 61 -16.71 -36.76 19.60
N LEU B 62 -17.46 -37.71 19.03
CA LEU B 62 -18.77 -37.47 18.46
C LEU B 62 -19.87 -38.06 19.33
N PRO B 63 -21.12 -37.65 19.16
CA PRO B 63 -22.22 -38.25 19.92
C PRO B 63 -22.33 -39.73 19.64
N PRO B 64 -22.94 -40.50 20.54
CA PRO B 64 -23.00 -41.96 20.33
C PRO B 64 -23.73 -42.31 19.05
N GLY B 65 -23.17 -43.28 18.33
CA GLY B 65 -23.74 -43.73 17.09
C GLY B 65 -23.26 -43.01 15.85
N TYR B 66 -22.36 -42.03 16.00
CA TYR B 66 -21.80 -41.28 14.88
C TYR B 66 -20.30 -41.53 14.81
N SER B 67 -19.74 -41.50 13.60
CA SER B 67 -18.34 -41.80 13.41
CA SER B 67 -18.33 -41.81 13.41
C SER B 67 -17.74 -40.90 12.34
N TRP B 68 -16.44 -40.62 12.47
CA TRP B 68 -15.74 -39.91 11.42
C TRP B 68 -15.56 -40.85 10.22
N TYR B 69 -15.57 -40.27 9.03
CA TYR B 69 -15.40 -41.02 7.80
C TYR B 69 -14.38 -40.32 6.93
N VAL B 70 -13.46 -41.10 6.37
CA VAL B 70 -12.45 -40.59 5.46
C VAL B 70 -13.08 -40.54 4.06
N CYS B 71 -13.43 -39.35 3.58
CA CYS B 71 -14.02 -39.25 2.26
C CYS B 71 -12.92 -39.22 1.20
N ASP B 72 -12.97 -40.17 0.26
CA ASP B 72 -12.07 -40.17 -0.90
C ASP B 72 -12.86 -39.55 -2.05
N VAL B 73 -12.62 -38.27 -2.31
CA VAL B 73 -13.40 -37.55 -3.31
CA VAL B 73 -13.41 -37.55 -3.31
C VAL B 73 -13.18 -38.11 -4.71
N LYS B 74 -12.06 -38.80 -4.94
CA LYS B 74 -11.86 -39.42 -6.24
C LYS B 74 -12.59 -40.75 -6.37
N ASP B 75 -13.14 -41.27 -5.29
CA ASP B 75 -13.96 -42.48 -5.34
C ASP B 75 -15.40 -42.10 -5.68
N GLU B 76 -15.95 -42.73 -6.73
CA GLU B 76 -17.28 -42.36 -7.20
C GLU B 76 -18.34 -42.53 -6.10
N LYS B 77 -18.26 -43.62 -5.34
CA LYS B 77 -19.23 -43.84 -4.28
C LYS B 77 -19.15 -42.76 -3.21
N ASP B 78 -17.93 -42.53 -2.67
CA ASP B 78 -17.76 -41.49 -1.66
C ASP B 78 -18.21 -40.13 -2.18
N ARG B 79 -17.83 -39.80 -3.41
CA ARG B 79 -18.20 -38.50 -3.96
C ARG B 79 -19.70 -38.37 -4.08
N SER B 80 -20.40 -39.46 -4.46
CA SER B 80 -21.85 -39.36 -4.61
CA SER B 80 -21.85 -39.40 -4.60
C SER B 80 -22.53 -39.20 -3.24
N GLU B 81 -21.93 -39.70 -2.17
CA GLU B 81 -22.48 -39.47 -0.83
C GLU B 81 -22.37 -38.00 -0.43
N ILE B 82 -21.22 -37.37 -0.71
CA ILE B 82 -21.06 -35.94 -0.45
C ILE B 82 -22.07 -35.15 -1.27
N TYR B 83 -22.21 -35.51 -2.56
CA TYR B 83 -23.15 -34.83 -3.44
C TYR B 83 -24.57 -34.90 -2.88
N THR B 84 -24.98 -36.08 -2.40
CA THR B 84 -26.34 -36.25 -1.89
C THR B 84 -26.56 -35.41 -0.63
N LEU B 85 -25.60 -35.46 0.29
CA LEU B 85 -25.69 -34.62 1.50
C LEU B 85 -25.84 -33.14 1.14
N LEU B 86 -24.95 -32.62 0.30
CA LEU B 86 -25.03 -31.20 -0.06
C LEU B 86 -26.30 -30.88 -0.82
N THR B 87 -26.67 -31.72 -1.81
CA THR B 87 -27.90 -31.46 -2.57
C THR B 87 -29.10 -31.31 -1.65
N ASP B 88 -29.19 -32.15 -0.61
CA ASP B 88 -30.36 -32.15 0.25
C ASP B 88 -30.27 -31.16 1.41
N ASN B 89 -29.05 -30.74 1.82
CA ASN B 89 -28.89 -30.03 3.08
C ASN B 89 -28.00 -28.79 3.05
N TYR B 90 -27.49 -28.36 1.90
CA TYR B 90 -26.50 -27.29 1.93
C TYR B 90 -27.21 -25.91 1.91
N VAL B 91 -26.50 -24.87 1.46
CA VAL B 91 -26.93 -23.48 1.66
C VAL B 91 -28.22 -23.21 0.91
N GLU B 92 -29.16 -22.55 1.58
CA GLU B 92 -30.36 -22.02 0.94
C GLU B 92 -30.36 -20.50 0.99
N ASP B 93 -31.15 -19.89 0.11
CA ASP B 93 -31.35 -18.46 0.23
C ASP B 93 -32.17 -18.16 1.49
N ASP B 94 -32.24 -16.89 1.85
CA ASP B 94 -32.87 -16.52 3.11
C ASP B 94 -34.36 -16.87 3.14
N ASP B 95 -34.98 -17.09 1.99
CA ASP B 95 -36.41 -17.37 1.92
C ASP B 95 -36.71 -18.85 1.66
N ASN B 96 -35.68 -19.71 1.61
CA ASN B 96 -35.83 -21.16 1.45
C ASN B 96 -36.60 -21.50 0.17
N ILE B 97 -36.24 -20.84 -0.92
CA ILE B 97 -36.78 -21.22 -2.24
C ILE B 97 -35.71 -21.75 -3.18
N PHE B 98 -34.42 -21.50 -2.93
CA PHE B 98 -33.32 -22.08 -3.69
C PHE B 98 -32.33 -22.75 -2.75
N ARG B 99 -31.69 -23.81 -3.23
CA ARG B 99 -30.64 -24.49 -2.49
CA ARG B 99 -30.63 -24.48 -2.49
C ARG B 99 -29.49 -24.84 -3.42
N PHE B 100 -28.25 -24.53 -3.01
CA PHE B 100 -27.10 -24.82 -3.86
C PHE B 100 -27.09 -26.29 -4.26
N ASN B 101 -26.71 -26.55 -5.51
CA ASN B 101 -26.68 -27.90 -6.05
C ASN B 101 -25.37 -28.12 -6.81
N TYR B 102 -24.25 -28.00 -6.08
CA TYR B 102 -22.94 -28.28 -6.64
C TYR B 102 -22.94 -29.66 -7.28
N SER B 103 -22.40 -29.78 -8.48
CA SER B 103 -22.39 -31.07 -9.14
C SER B 103 -21.26 -31.94 -8.59
N ALA B 104 -21.36 -33.24 -8.84
CA ALA B 104 -20.29 -34.13 -8.38
C ALA B 104 -18.98 -33.81 -9.08
N GLU B 105 -19.03 -33.46 -10.36
CA GLU B 105 -17.81 -33.07 -11.08
C GLU B 105 -17.21 -31.79 -10.49
N PHE B 106 -18.05 -30.83 -10.09
CA PHE B 106 -17.57 -29.61 -9.45
C PHE B 106 -16.85 -29.95 -8.14
N LEU B 107 -17.47 -30.80 -7.32
CA LEU B 107 -16.87 -31.15 -6.03
C LEU B 107 -15.49 -31.77 -6.23
N LEU B 108 -15.36 -32.63 -7.24
CA LEU B 108 -14.05 -33.21 -7.53
C LEU B 108 -13.02 -32.13 -7.82
N TRP B 109 -13.38 -31.17 -8.69
CA TRP B 109 -12.49 -30.06 -9.03
C TRP B 109 -12.17 -29.22 -7.80
N ALA B 110 -13.19 -28.88 -7.02
CA ALA B 110 -13.01 -27.97 -5.90
C ALA B 110 -12.10 -28.54 -4.80
N LEU B 111 -12.02 -29.86 -4.68
CA LEU B 111 -11.38 -30.47 -3.52
C LEU B 111 -10.05 -31.15 -3.84
N THR B 112 -9.67 -31.30 -5.11
CA THR B 112 -8.44 -31.98 -5.49
C THR B 112 -7.44 -31.03 -6.16
N SER B 113 -7.33 -29.81 -5.65
CA SER B 113 -6.34 -28.87 -6.12
C SER B 113 -4.94 -29.35 -5.74
N PRO B 114 -3.90 -28.74 -6.30
CA PRO B 114 -2.53 -29.21 -6.07
C PRO B 114 -2.18 -29.36 -4.58
N ASN B 115 -1.56 -30.49 -4.26
CA ASN B 115 -1.06 -30.84 -2.92
C ASN B 115 -2.19 -30.95 -1.89
N TYR B 116 -3.41 -31.26 -2.34
CA TYR B 116 -4.51 -31.41 -1.39
C TYR B 116 -4.26 -32.60 -0.47
N LEU B 117 -4.87 -32.55 0.70
CA LEU B 117 -4.75 -33.58 1.73
C LEU B 117 -6.05 -34.36 1.78
N LYS B 118 -5.95 -35.68 1.62
CA LYS B 118 -7.15 -36.51 1.75
C LYS B 118 -7.71 -36.46 3.18
N THR B 119 -6.84 -36.23 4.18
CA THR B 119 -7.28 -36.10 5.57
C THR B 119 -8.13 -34.86 5.82
N TRP B 120 -8.15 -33.92 4.90
CA TRP B 120 -8.92 -32.70 5.09
C TRP B 120 -10.29 -32.76 4.45
N HIS B 121 -10.73 -33.95 4.03
CA HIS B 121 -12.04 -34.16 3.42
C HIS B 121 -12.83 -35.03 4.38
N ILE B 122 -13.57 -34.41 5.29
CA ILE B 122 -14.01 -35.06 6.53
C ILE B 122 -15.52 -35.28 6.50
N GLY B 123 -15.94 -36.54 6.54
CA GLY B 123 -17.34 -36.87 6.65
C GLY B 123 -17.70 -37.31 8.07
N VAL B 124 -18.99 -37.28 8.38
CA VAL B 124 -19.52 -37.90 9.60
C VAL B 124 -20.68 -38.78 9.19
N LYS B 125 -20.63 -40.04 9.61
CA LYS B 125 -21.70 -40.99 9.29
C LYS B 125 -22.47 -41.36 10.54
N TYR B 126 -23.75 -41.67 10.35
CA TYR B 126 -24.56 -42.34 11.35
C TYR B 126 -24.41 -43.85 11.14
N ASP B 127 -23.83 -44.52 12.15
CA ASP B 127 -23.34 -45.89 11.94
C ASP B 127 -24.47 -46.84 11.61
N ALA B 128 -25.64 -46.67 12.22
CA ALA B 128 -26.71 -47.66 12.06
C ALA B 128 -27.20 -47.72 10.62
N SER B 129 -27.20 -46.59 9.92
CA SER B 129 -27.68 -46.50 8.56
C SER B 129 -26.57 -46.34 7.54
N ASN B 130 -25.32 -46.15 7.99
CA ASN B 130 -24.16 -46.00 7.12
C ASN B 130 -24.37 -44.84 6.14
N LYS B 131 -25.02 -43.78 6.61
CA LYS B 131 -25.38 -42.62 5.81
C LYS B 131 -24.58 -41.39 6.25
N LEU B 132 -24.14 -40.60 5.28
CA LEU B 132 -23.37 -39.40 5.58
C LEU B 132 -24.30 -38.33 6.14
N ILE B 133 -23.99 -37.78 7.32
CA ILE B 133 -24.84 -36.73 7.88
C ILE B 133 -24.10 -35.42 8.11
N GLY B 134 -22.80 -35.36 7.85
CA GLY B 134 -22.05 -34.13 8.04
C GLY B 134 -20.80 -34.16 7.19
N PHE B 135 -20.30 -32.96 6.87
CA PHE B 135 -19.12 -32.82 6.02
C PHE B 135 -18.44 -31.49 6.32
N ILE B 136 -17.12 -31.47 6.16
CA ILE B 136 -16.37 -30.23 6.15
C ILE B 136 -15.09 -30.52 5.37
N SER B 137 -14.57 -29.49 4.69
CA SER B 137 -13.43 -29.71 3.82
C SER B 137 -12.47 -28.53 3.87
N ALA B 138 -11.22 -28.79 3.51
CA ALA B 138 -10.27 -27.71 3.34
C ALA B 138 -9.26 -28.11 2.27
N ILE B 139 -8.71 -27.10 1.59
CA ILE B 139 -7.59 -27.28 0.68
C ILE B 139 -6.48 -26.31 1.07
N PRO B 140 -5.21 -26.64 0.82
CA PRO B 140 -4.13 -25.74 1.22
C PRO B 140 -3.79 -24.74 0.13
N THR B 141 -3.44 -23.54 0.54
CA THR B 141 -3.14 -22.48 -0.42
C THR B 141 -2.26 -21.44 0.27
N ASP B 142 -1.43 -20.75 -0.52
CA ASP B 142 -0.70 -19.59 0.00
C ASP B 142 -1.60 -18.37 -0.09
N ILE B 143 -1.81 -17.68 1.04
CA ILE B 143 -2.65 -16.48 1.09
C ILE B 143 -1.79 -15.29 1.48
N CYS B 144 -1.88 -14.22 0.71
CA CYS B 144 -1.22 -12.96 1.01
C CYS B 144 -2.24 -12.04 1.68
N ILE B 145 -2.00 -11.69 2.94
CA ILE B 145 -2.85 -10.76 3.68
C ILE B 145 -1.98 -9.55 4.03
N HIS B 146 -2.36 -8.38 3.53
CA HIS B 146 -1.62 -7.15 3.82
CA HIS B 146 -1.64 -7.14 3.79
C HIS B 146 -0.13 -7.33 3.56
N LYS B 147 0.21 -7.88 2.40
CA LYS B 147 1.57 -8.07 1.91
C LYS B 147 2.39 -9.10 2.70
N ARG B 148 1.77 -9.90 3.54
CA ARG B 148 2.46 -11.04 4.14
C ARG B 148 1.84 -12.32 3.59
N THR B 149 2.68 -13.24 3.12
CA THR B 149 2.20 -14.50 2.54
C THR B 149 2.33 -15.62 3.56
N ILE B 150 1.21 -16.30 3.83
CA ILE B 150 1.09 -17.32 4.86
C ILE B 150 0.50 -18.57 4.23
N LYS B 151 1.03 -19.73 4.59
CA LYS B 151 0.38 -20.96 4.17
C LYS B 151 -0.89 -21.14 4.99
N MET B 152 -2.03 -21.30 4.30
CA MET B 152 -3.32 -21.37 4.97
C MET B 152 -4.15 -22.54 4.46
N ALA B 153 -5.12 -22.94 5.26
CA ALA B 153 -6.20 -23.81 4.80
C ALA B 153 -7.39 -22.96 4.35
N GLU B 154 -7.98 -23.34 3.22
CA GLU B 154 -9.19 -22.69 2.71
C GLU B 154 -10.36 -23.62 2.99
N VAL B 155 -11.26 -23.22 3.91
CA VAL B 155 -12.29 -24.10 4.45
C VAL B 155 -13.62 -23.85 3.75
N ASN B 156 -14.32 -24.94 3.40
CA ASN B 156 -15.51 -24.85 2.57
C ASN B 156 -16.35 -26.10 2.77
N PHE B 157 -17.63 -25.99 2.38
CA PHE B 157 -18.57 -27.11 2.30
C PHE B 157 -18.91 -27.69 3.68
N LEU B 158 -18.85 -26.89 4.72
CA LEU B 158 -19.39 -27.31 6.02
C LEU B 158 -20.89 -27.53 5.90
N CYS B 159 -21.35 -28.72 6.28
CA CYS B 159 -22.76 -29.07 6.15
C CYS B 159 -23.16 -30.10 7.20
N VAL B 160 -24.27 -29.84 7.89
CA VAL B 160 -24.87 -30.80 8.81
C VAL B 160 -26.28 -31.08 8.32
N HIS B 161 -26.68 -32.35 8.35
CA HIS B 161 -28.00 -32.77 7.91
C HIS B 161 -29.09 -31.94 8.56
N LYS B 162 -30.13 -31.61 7.78
CA LYS B 162 -31.23 -30.77 8.30
C LYS B 162 -31.85 -31.34 9.58
N THR B 163 -31.90 -32.66 9.75
CA THR B 163 -32.53 -33.25 10.92
C THR B 163 -31.70 -33.11 12.19
N LEU B 164 -30.43 -32.70 12.08
CA LEU B 164 -29.49 -32.68 13.20
C LEU B 164 -29.01 -31.26 13.51
N ARG B 165 -29.75 -30.24 13.08
CA ARG B 165 -29.32 -28.87 13.22
C ARG B 165 -29.45 -28.41 14.66
N SER B 166 -28.60 -27.44 15.03
CA SER B 166 -28.65 -26.82 16.36
C SER B 166 -28.35 -27.82 17.47
N LYS B 167 -27.52 -28.82 17.18
CA LYS B 167 -27.06 -29.79 18.16
C LYS B 167 -25.58 -29.61 18.51
N ARG B 168 -24.96 -28.51 18.07
CA ARG B 168 -23.55 -28.21 18.30
C ARG B 168 -22.62 -29.22 17.61
N LEU B 169 -23.07 -29.81 16.50
CA LEU B 169 -22.19 -30.65 15.70
C LEU B 169 -21.19 -29.82 14.93
N ALA B 170 -21.56 -28.63 14.46
CA ALA B 170 -20.64 -27.85 13.64
C ALA B 170 -19.34 -27.50 14.38
N PRO B 171 -19.37 -27.09 15.66
CA PRO B 171 -18.08 -26.85 16.33
C PRO B 171 -17.20 -28.08 16.38
N VAL B 172 -17.79 -29.28 16.45
CA VAL B 172 -17.00 -30.50 16.45
C VAL B 172 -16.28 -30.65 15.12
N LEU B 173 -17.01 -30.45 14.03
CA LEU B 173 -16.41 -30.51 12.69
CA LEU B 173 -16.42 -30.51 12.69
C LEU B 173 -15.30 -29.48 12.54
N ILE B 174 -15.52 -28.26 13.04
CA ILE B 174 -14.51 -27.21 12.92
C ILE B 174 -13.28 -27.56 13.76
N LYS B 175 -13.46 -28.01 14.99
CA LYS B 175 -12.29 -28.32 15.81
C LYS B 175 -11.51 -29.48 15.21
N GLU B 176 -12.20 -30.49 14.66
CA GLU B 176 -11.50 -31.64 14.11
C GLU B 176 -10.74 -31.27 12.84
N ILE B 177 -11.33 -30.46 11.95
CA ILE B 177 -10.52 -30.09 10.78
C ILE B 177 -9.38 -29.16 11.20
N THR B 178 -9.56 -28.35 12.25
CA THR B 178 -8.47 -27.51 12.73
C THR B 178 -7.29 -28.37 13.18
N ARG B 179 -7.61 -29.43 13.94
CA ARG B 179 -6.60 -30.37 14.39
C ARG B 179 -5.82 -30.97 13.24
N ARG B 180 -6.52 -31.38 12.17
CA ARG B 180 -5.84 -32.06 11.07
C ARG B 180 -5.03 -31.09 10.23
N ILE B 181 -5.47 -29.83 10.13
CA ILE B 181 -4.68 -28.81 9.47
C ILE B 181 -3.43 -28.48 10.28
N ASN B 182 -3.56 -28.41 11.61
CA ASN B 182 -2.42 -28.14 12.48
C ASN B 182 -1.36 -29.24 12.38
N LEU B 183 -1.76 -30.48 12.09
CA LEU B 183 -0.79 -31.57 11.91
C LEU B 183 0.07 -31.37 10.66
N GLU B 184 -0.31 -30.44 9.79
CA GLU B 184 0.49 -30.05 8.64
C GLU B 184 1.31 -28.80 8.91
N ASN B 185 1.40 -28.39 10.19
CA ASN B 185 2.14 -27.21 10.60
C ASN B 185 1.57 -25.96 9.94
N ILE B 186 0.24 -25.94 9.79
CA ILE B 186 -0.51 -24.81 9.28
C ILE B 186 -1.45 -24.34 10.37
N TRP B 187 -1.44 -23.03 10.62
CA TRP B 187 -2.04 -22.45 11.83
C TRP B 187 -3.02 -21.33 11.52
N GLN B 188 -3.24 -21.03 10.25
CA GLN B 188 -4.16 -20.01 9.78
C GLN B 188 -5.10 -20.62 8.75
N ALA B 189 -6.30 -20.03 8.63
CA ALA B 189 -7.25 -20.46 7.62
C ALA B 189 -8.00 -19.25 7.08
N ILE B 190 -8.53 -19.41 5.87
CA ILE B 190 -9.44 -18.42 5.31
C ILE B 190 -10.78 -19.12 5.07
N TYR B 191 -11.87 -18.40 5.34
CA TYR B 191 -13.18 -18.97 5.08
C TYR B 191 -14.16 -17.83 4.83
N THR B 192 -15.24 -18.15 4.11
CA THR B 192 -16.34 -17.23 3.88
C THR B 192 -17.62 -17.84 4.45
N ALA B 193 -18.57 -16.97 4.78
CA ALA B 193 -19.89 -17.43 5.18
C ALA B 193 -20.87 -16.27 5.05
N GLY B 194 -22.15 -16.63 4.88
CA GLY B 194 -23.20 -15.61 4.89
C GLY B 194 -23.57 -15.12 6.28
N VAL B 195 -23.46 -15.98 7.29
CA VAL B 195 -23.75 -15.57 8.67
C VAL B 195 -22.64 -14.66 9.17
N TYR B 196 -23.00 -13.77 10.11
CA TYR B 196 -22.05 -12.87 10.74
C TYR B 196 -21.45 -13.56 11.96
N LEU B 197 -20.13 -13.75 11.94
CA LEU B 197 -19.37 -14.42 12.98
C LEU B 197 -18.25 -13.50 13.43
N PRO B 198 -17.59 -13.76 14.55
CA PRO B 198 -16.40 -12.97 14.92
C PRO B 198 -15.21 -13.35 14.05
N LYS B 199 -14.66 -12.41 13.28
CA LYS B 199 -15.19 -11.09 12.93
C LYS B 199 -14.70 -10.90 11.48
N PRO B 200 -15.55 -10.42 10.57
CA PRO B 200 -15.11 -10.33 9.16
C PRO B 200 -13.89 -9.42 8.99
N VAL B 201 -12.96 -9.85 8.11
CA VAL B 201 -11.96 -8.91 7.63
C VAL B 201 -12.50 -8.07 6.47
N SER B 202 -13.53 -8.55 5.78
CA SER B 202 -14.22 -7.78 4.77
C SER B 202 -15.60 -8.40 4.58
N ASP B 203 -16.49 -7.66 3.95
CA ASP B 203 -17.89 -8.02 3.81
C ASP B 203 -18.36 -7.57 2.43
N ALA B 204 -18.76 -8.50 1.57
CA ALA B 204 -19.04 -8.18 0.17
C ALA B 204 -20.46 -8.57 -0.20
N ARG B 205 -21.26 -7.59 -0.62
CA ARG B 205 -22.59 -7.90 -1.14
C ARG B 205 -22.50 -8.59 -2.49
N TYR B 206 -23.46 -9.46 -2.77
CA TYR B 206 -23.58 -10.05 -4.09
C TYR B 206 -24.63 -9.37 -4.94
N TYR B 207 -24.43 -9.44 -6.26
CA TYR B 207 -25.24 -8.80 -7.28
C TYR B 207 -25.53 -9.80 -8.39
N HIS B 208 -26.64 -9.59 -9.09
CA HIS B 208 -27.13 -10.56 -10.07
C HIS B 208 -27.47 -9.86 -11.38
N ARG B 209 -26.96 -10.39 -12.48
CA ARG B 209 -27.26 -9.85 -13.81
C ARG B 209 -28.16 -10.83 -14.56
N SER B 210 -29.43 -10.44 -14.78
CA SER B 210 -30.38 -11.33 -15.43
C SER B 210 -29.96 -11.64 -16.87
N ILE B 211 -30.03 -12.91 -17.25
CA ILE B 211 -29.84 -13.34 -18.64
C ILE B 211 -31.13 -13.90 -19.24
N ASN B 212 -31.70 -14.93 -18.61
CA ASN B 212 -32.97 -15.51 -19.06
C ASN B 212 -34.08 -14.92 -18.18
N VAL B 213 -34.58 -13.77 -18.63
CA VAL B 213 -35.45 -12.91 -17.82
C VAL B 213 -36.73 -13.64 -17.43
N LYS B 214 -37.43 -14.23 -18.41
CA LYS B 214 -38.73 -14.81 -18.12
C LYS B 214 -38.64 -15.90 -17.07
N LYS B 215 -37.61 -16.74 -17.16
CA LYS B 215 -37.42 -17.78 -16.16
C LYS B 215 -37.23 -17.18 -14.77
N LEU B 216 -36.39 -16.14 -14.67
CA LEU B 216 -36.12 -15.56 -13.36
C LEU B 216 -37.38 -14.94 -12.75
N ILE B 217 -38.26 -14.39 -13.58
CA ILE B 217 -39.54 -13.87 -13.08
C ILE B 217 -40.41 -15.03 -12.58
N GLU B 218 -40.54 -16.07 -13.41
CA GLU B 218 -41.46 -17.16 -13.10
C GLU B 218 -41.05 -17.90 -11.84
N ILE B 219 -39.75 -17.97 -11.55
CA ILE B 219 -39.29 -18.67 -10.35
C ILE B 219 -39.20 -17.74 -9.14
N GLY B 220 -39.51 -16.46 -9.31
CA GLY B 220 -39.47 -15.52 -8.21
C GLY B 220 -38.09 -14.99 -7.87
N PHE B 221 -37.12 -15.18 -8.76
CA PHE B 221 -35.79 -14.65 -8.51
C PHE B 221 -35.75 -13.15 -8.78
N SER B 222 -36.46 -12.70 -9.82
CA SER B 222 -36.58 -11.30 -10.21
C SER B 222 -38.06 -10.94 -10.22
N SER B 223 -38.36 -9.65 -10.35
CA SER B 223 -39.75 -9.22 -10.30
C SER B 223 -40.04 -8.18 -11.37
N LEU B 224 -41.32 -7.98 -11.63
CA LEU B 224 -41.86 -6.98 -12.55
C LEU B 224 -42.66 -5.94 -11.77
N ASN B 225 -43.09 -4.90 -12.47
CA ASN B 225 -44.05 -3.92 -11.93
C ASN B 225 -44.74 -3.24 -13.10
N SER B 226 -45.60 -2.27 -12.77
CA SER B 226 -46.43 -1.64 -13.81
C SER B 226 -45.58 -0.91 -14.84
N ARG B 227 -44.41 -0.38 -14.43
CA ARG B 227 -43.47 0.20 -15.38
C ARG B 227 -42.71 -0.89 -16.13
N LEU B 228 -42.21 -1.90 -15.41
CA LEU B 228 -41.43 -2.97 -16.02
C LEU B 228 -42.32 -4.18 -16.28
N THR B 229 -43.02 -4.16 -17.42
CA THR B 229 -43.77 -5.31 -17.90
C THR B 229 -42.82 -6.42 -18.35
N MET B 230 -43.40 -7.59 -18.64
CA MET B 230 -42.57 -8.74 -19.05
C MET B 230 -41.79 -8.43 -20.32
N SER B 231 -42.47 -7.91 -21.35
CA SER B 231 -41.76 -7.59 -22.59
C SER B 231 -40.69 -6.54 -22.35
N ARG B 232 -40.97 -5.53 -21.53
CA ARG B 232 -39.98 -4.49 -21.28
C ARG B 232 -38.77 -5.04 -20.53
N ALA B 233 -38.99 -5.96 -19.58
CA ALA B 233 -37.87 -6.57 -18.88
C ALA B 233 -37.00 -7.38 -19.84
N ILE B 234 -37.63 -8.14 -20.73
CA ILE B 234 -36.86 -8.92 -21.69
C ILE B 234 -36.03 -8.00 -22.57
N LYS B 235 -36.61 -6.90 -23.02
CA LYS B 235 -35.86 -5.96 -23.83
C LYS B 235 -34.74 -5.30 -23.02
N LEU B 236 -35.00 -4.98 -21.75
CA LEU B 236 -34.00 -4.33 -20.92
C LEU B 236 -32.72 -5.16 -20.82
N TYR B 237 -32.86 -6.47 -20.68
CA TYR B 237 -31.70 -7.34 -20.41
C TYR B 237 -31.16 -7.99 -21.67
N ARG B 238 -31.73 -7.68 -22.84
CA ARG B 238 -31.20 -8.22 -24.09
C ARG B 238 -29.77 -7.73 -24.29
N VAL B 239 -28.92 -8.63 -24.78
CA VAL B 239 -27.55 -8.24 -25.07
C VAL B 239 -27.24 -8.55 -26.54
N GLU B 240 -26.23 -7.83 -27.05
CA GLU B 240 -25.77 -8.05 -28.41
C GLU B 240 -24.80 -9.23 -28.43
N ASP B 241 -25.01 -10.17 -29.36
CA ASP B 241 -24.19 -11.37 -29.41
C ASP B 241 -22.87 -11.14 -30.15
N THR B 242 -22.18 -10.05 -29.83
CA THR B 242 -20.85 -9.79 -30.38
C THR B 242 -19.92 -9.37 -29.24
N LEU B 243 -18.76 -10.01 -29.16
CA LEU B 243 -17.77 -9.71 -28.14
C LEU B 243 -17.09 -8.36 -28.38
N ASN B 244 -16.81 -7.64 -27.28
CA ASN B 244 -15.96 -6.46 -27.36
C ASN B 244 -14.52 -6.83 -27.70
N ILE B 245 -14.08 -7.99 -27.26
CA ILE B 245 -12.72 -8.46 -27.46
C ILE B 245 -12.86 -9.69 -28.36
N LYS B 246 -12.70 -9.48 -29.67
CA LYS B 246 -13.20 -10.44 -30.64
C LYS B 246 -12.52 -11.79 -30.52
N ASN B 247 -11.28 -11.83 -30.04
CA ASN B 247 -10.49 -13.06 -30.06
C ASN B 247 -10.54 -13.84 -28.75
N MET B 248 -11.40 -13.45 -27.79
CA MET B 248 -11.59 -14.24 -26.58
CA MET B 248 -11.59 -14.24 -26.58
C MET B 248 -11.92 -15.68 -26.92
N ARG B 249 -11.13 -16.62 -26.39
CA ARG B 249 -11.30 -18.03 -26.70
C ARG B 249 -11.04 -18.85 -25.44
N LEU B 250 -11.56 -20.07 -25.44
CA LEU B 250 -11.32 -20.96 -24.32
C LEU B 250 -9.84 -21.18 -24.10
N MET B 251 -9.43 -21.10 -22.83
CA MET B 251 -8.04 -21.28 -22.44
C MET B 251 -7.59 -22.71 -22.73
N LYS B 252 -6.34 -22.86 -23.17
CA LYS B 252 -5.70 -24.15 -23.42
C LYS B 252 -4.48 -24.30 -22.53
N LYS B 253 -3.91 -25.51 -22.49
CA LYS B 253 -2.76 -25.75 -21.63
C LYS B 253 -1.59 -24.84 -21.99
N LYS B 254 -1.40 -24.54 -23.28
CA LYS B 254 -0.33 -23.64 -23.69
C LYS B 254 -0.45 -22.26 -23.06
N ASP B 255 -1.62 -21.89 -22.56
CA ASP B 255 -1.86 -20.56 -22.00
C ASP B 255 -1.53 -20.46 -20.51
N VAL B 256 -1.10 -21.53 -19.86
CA VAL B 256 -0.99 -21.52 -18.39
C VAL B 256 0.04 -20.49 -17.93
N GLU B 257 1.22 -20.46 -18.58
CA GLU B 257 2.24 -19.51 -18.14
C GLU B 257 1.76 -18.08 -18.30
N GLY B 258 1.10 -17.77 -19.41
CA GLY B 258 0.65 -16.40 -19.63
C GLY B 258 -0.47 -15.98 -18.70
N VAL B 259 -1.40 -16.92 -18.39
CA VAL B 259 -2.43 -16.60 -17.40
C VAL B 259 -1.79 -16.41 -16.03
N HIS B 260 -0.80 -17.26 -15.70
CA HIS B 260 -0.08 -17.11 -14.43
C HIS B 260 0.53 -15.72 -14.30
N LYS B 261 1.24 -15.26 -15.34
CA LYS B 261 1.83 -13.92 -15.29
C LYS B 261 0.76 -12.84 -15.22
N LEU B 262 -0.29 -12.95 -16.05
CA LEU B 262 -1.31 -11.90 -16.07
C LEU B 262 -2.03 -11.80 -14.73
N LEU B 263 -2.55 -12.92 -14.25
CA LEU B 263 -3.33 -12.89 -13.01
C LEU B 263 -2.43 -12.61 -11.81
N GLY B 264 -1.25 -13.22 -11.77
CA GLY B 264 -0.36 -13.01 -10.63
C GLY B 264 0.00 -11.55 -10.45
N SER B 265 0.31 -10.86 -11.56
CA SER B 265 0.62 -9.44 -11.49
C SER B 265 -0.59 -8.63 -11.04
N TYR B 266 -1.77 -8.96 -11.57
CA TYR B 266 -2.99 -8.23 -11.26
C TYR B 266 -3.34 -8.34 -9.77
N LEU B 267 -3.16 -9.52 -9.19
CA LEU B 267 -3.68 -9.73 -7.83
C LEU B 267 -2.86 -9.03 -6.77
N GLU B 268 -1.62 -8.62 -7.09
CA GLU B 268 -0.72 -8.05 -6.08
C GLU B 268 -1.24 -6.74 -5.52
N GLN B 269 -2.12 -6.04 -6.23
CA GLN B 269 -2.65 -4.78 -5.72
C GLN B 269 -3.63 -4.97 -4.57
N PHE B 270 -4.13 -6.18 -4.34
CA PHE B 270 -5.19 -6.35 -3.35
C PHE B 270 -4.63 -6.70 -1.96
N ASN B 271 -5.47 -6.45 -0.95
CA ASN B 271 -5.10 -6.68 0.45
C ASN B 271 -5.18 -8.14 0.84
N LEU B 272 -5.86 -8.97 0.05
CA LEU B 272 -6.12 -10.37 0.38
C LEU B 272 -6.26 -11.15 -0.92
N TYR B 273 -5.35 -12.08 -1.19
CA TYR B 273 -5.42 -12.84 -2.44
C TYR B 273 -4.62 -14.11 -2.28
N ALA B 274 -4.90 -15.06 -3.17
CA ALA B 274 -4.14 -16.30 -3.25
C ALA B 274 -2.93 -16.08 -4.15
N VAL B 275 -1.80 -16.63 -3.73
CA VAL B 275 -0.56 -16.57 -4.51
C VAL B 275 -0.50 -17.90 -5.25
N PHE B 276 -1.00 -17.88 -6.50
CA PHE B 276 -1.11 -19.09 -7.31
C PHE B 276 0.25 -19.52 -7.86
N THR B 277 0.54 -20.80 -7.75
CA THR B 277 1.63 -21.40 -8.52
C THR B 277 1.15 -21.73 -9.93
N LYS B 278 2.10 -22.00 -10.82
CA LYS B 278 1.72 -22.40 -12.17
C LYS B 278 0.81 -23.62 -12.15
N GLU B 279 1.11 -24.59 -11.28
CA GLU B 279 0.28 -25.79 -11.17
C GLU B 279 -1.13 -25.43 -10.70
N GLU B 280 -1.25 -24.50 -9.76
CA GLU B 280 -2.58 -24.06 -9.31
C GLU B 280 -3.32 -23.32 -10.43
N ILE B 281 -2.61 -22.53 -11.24
CA ILE B 281 -3.28 -21.87 -12.37
C ILE B 281 -3.88 -22.92 -13.30
N ALA B 282 -3.11 -23.95 -13.63
CA ALA B 282 -3.63 -25.00 -14.50
C ALA B 282 -4.89 -25.63 -13.89
N HIS B 283 -4.85 -25.93 -12.57
CA HIS B 283 -5.99 -26.61 -11.97
C HIS B 283 -7.23 -25.71 -11.93
N TRP B 284 -7.06 -24.47 -11.49
CA TRP B 284 -8.23 -23.63 -11.23
C TRP B 284 -8.80 -23.00 -12.51
N PHE B 285 -8.07 -23.00 -13.61
CA PHE B 285 -8.58 -22.26 -14.76
C PHE B 285 -8.75 -23.07 -16.03
N LEU B 286 -8.04 -24.18 -16.21
CA LEU B 286 -8.23 -24.91 -17.46
C LEU B 286 -9.67 -25.42 -17.52
N PRO B 287 -10.39 -25.18 -18.61
CA PRO B 287 -11.85 -25.32 -18.56
C PRO B 287 -12.31 -26.77 -18.44
N ILE B 288 -13.40 -26.93 -17.70
CA ILE B 288 -14.11 -28.19 -17.52
C ILE B 288 -15.58 -27.88 -17.73
N GLU B 289 -16.18 -28.52 -18.74
CA GLU B 289 -17.57 -28.23 -19.11
C GLU B 289 -18.50 -28.38 -17.90
N ASN B 290 -19.41 -27.42 -17.75
CA ASN B 290 -20.37 -27.37 -16.66
C ASN B 290 -19.71 -27.22 -15.29
N VAL B 291 -18.45 -26.80 -15.24
CA VAL B 291 -17.76 -26.58 -13.98
C VAL B 291 -17.03 -25.24 -13.97
N ILE B 292 -16.03 -25.08 -14.84
CA ILE B 292 -15.20 -23.88 -14.83
C ILE B 292 -14.92 -23.47 -16.28
N TYR B 293 -15.12 -22.18 -16.57
CA TYR B 293 -14.98 -21.60 -17.91
C TYR B 293 -13.94 -20.49 -17.80
N THR B 294 -12.89 -20.58 -18.62
CA THR B 294 -11.88 -19.54 -18.68
C THR B 294 -11.63 -19.21 -20.15
N TYR B 295 -11.75 -17.93 -20.47
CA TYR B 295 -11.48 -17.43 -21.82
C TYR B 295 -10.29 -16.48 -21.75
N VAL B 296 -9.48 -16.46 -22.83
CA VAL B 296 -8.29 -15.63 -22.88
C VAL B 296 -8.22 -14.88 -24.20
N ASN B 297 -7.55 -13.74 -24.17
CA ASN B 297 -7.22 -12.98 -25.37
C ASN B 297 -5.72 -13.01 -25.54
N GLU B 298 -5.24 -13.71 -26.56
CA GLU B 298 -3.82 -13.81 -26.83
C GLU B 298 -3.46 -12.86 -27.96
N GLU B 299 -2.50 -11.97 -27.70
CA GLU B 299 -2.11 -10.95 -28.67
C GLU B 299 -0.60 -10.88 -28.73
N ASN B 300 -0.03 -11.13 -29.92
CA ASN B 300 1.42 -11.09 -30.09
C ASN B 300 2.13 -12.03 -29.13
N GLY B 301 1.59 -13.25 -28.99
CA GLY B 301 2.18 -14.27 -28.15
C GLY B 301 1.98 -14.10 -26.64
N LYS B 302 1.22 -13.11 -26.21
CA LYS B 302 1.05 -12.81 -24.79
C LYS B 302 -0.43 -12.87 -24.43
N ILE B 303 -0.73 -13.42 -23.25
CA ILE B 303 -2.10 -13.40 -22.74
C ILE B 303 -2.34 -12.03 -22.10
N LYS B 304 -3.23 -11.23 -22.70
CA LYS B 304 -3.43 -9.85 -22.28
C LYS B 304 -4.75 -9.61 -21.58
N ASP B 305 -5.70 -10.54 -21.65
CA ASP B 305 -7.00 -10.39 -21.02
C ASP B 305 -7.52 -11.79 -20.70
N MET B 306 -8.28 -11.90 -19.60
CA MET B 306 -8.91 -13.17 -19.26
C MET B 306 -10.26 -12.94 -18.60
N ILE B 307 -11.15 -13.90 -18.82
CA ILE B 307 -12.47 -13.96 -18.21
C ILE B 307 -12.62 -15.35 -17.62
N SER B 308 -13.12 -15.45 -16.38
CA SER B 308 -13.46 -16.77 -15.87
C SER B 308 -14.70 -16.71 -14.99
N PHE B 309 -15.47 -17.80 -15.04
CA PHE B 309 -16.65 -17.97 -14.19
C PHE B 309 -16.92 -19.46 -14.00
N TYR B 310 -17.47 -19.81 -12.83
CA TYR B 310 -17.79 -21.21 -12.56
C TYR B 310 -19.30 -21.43 -12.49
N SER B 311 -19.68 -22.70 -12.67
CA SER B 311 -21.08 -23.13 -12.75
C SER B 311 -21.52 -23.64 -11.39
N LEU B 312 -22.54 -22.99 -10.82
CA LEU B 312 -23.12 -23.40 -9.54
C LEU B 312 -24.62 -23.25 -9.66
N PRO B 313 -25.31 -24.32 -10.03
CA PRO B 313 -26.76 -24.26 -10.11
C PRO B 313 -27.41 -24.28 -8.73
N SER B 314 -28.61 -23.73 -8.65
CA SER B 314 -29.41 -23.86 -7.43
C SER B 314 -30.67 -24.64 -7.74
N GLN B 315 -30.94 -25.64 -6.91
CA GLN B 315 -32.22 -26.33 -7.00
C GLN B 315 -33.34 -25.37 -6.65
N ILE B 316 -34.38 -25.33 -7.48
CA ILE B 316 -35.55 -24.53 -7.19
C ILE B 316 -36.55 -25.40 -6.43
N LEU B 317 -36.84 -25.02 -5.19
CA LEU B 317 -37.63 -25.87 -4.31
C LEU B 317 -39.12 -25.69 -4.60
N GLY B 318 -39.81 -26.78 -4.88
CA GLY B 318 -41.25 -26.77 -5.08
C GLY B 318 -41.77 -26.01 -6.29
N ASN B 319 -41.07 -26.07 -7.42
CA ASN B 319 -41.53 -25.45 -8.66
C ASN B 319 -41.70 -26.53 -9.72
N ASP B 320 -42.94 -26.72 -10.18
CA ASP B 320 -43.20 -27.82 -11.10
C ASP B 320 -42.66 -27.56 -12.49
N LYS B 321 -42.44 -26.31 -12.88
CA LYS B 321 -41.97 -26.03 -14.23
C LYS B 321 -40.45 -26.08 -14.34
N TYR B 322 -39.73 -25.52 -13.37
CA TYR B 322 -38.28 -25.40 -13.43
C TYR B 322 -37.67 -26.15 -12.26
N SER B 323 -36.68 -26.99 -12.53
CA SER B 323 -36.02 -27.71 -11.45
C SER B 323 -34.78 -27.00 -10.94
N THR B 324 -34.06 -26.29 -11.81
CA THR B 324 -32.76 -25.75 -11.48
CA THR B 324 -32.77 -25.71 -11.42
C THR B 324 -32.60 -24.33 -12.04
N LEU B 325 -31.98 -23.47 -11.27
CA LEU B 325 -31.52 -22.17 -11.74
C LEU B 325 -30.06 -22.32 -12.14
N ASN B 326 -29.73 -22.11 -13.41
CA ASN B 326 -28.37 -22.32 -13.90
C ASN B 326 -27.60 -21.00 -13.84
N ALA B 327 -26.71 -20.88 -12.86
CA ALA B 327 -26.04 -19.61 -12.57
C ALA B 327 -24.55 -19.70 -12.86
N ALA B 328 -24.01 -18.65 -13.47
CA ALA B 328 -22.57 -18.49 -13.62
C ALA B 328 -22.07 -17.50 -12.57
N TYR B 329 -20.97 -17.85 -11.91
CA TYR B 329 -20.38 -17.02 -10.86
C TYR B 329 -19.06 -16.44 -11.36
N SER B 330 -19.00 -15.12 -11.40
CA SER B 330 -17.76 -14.42 -11.70
C SER B 330 -16.61 -14.92 -10.82
N PHE B 331 -15.49 -15.24 -11.46
CA PHE B 331 -14.35 -15.83 -10.74
C PHE B 331 -13.20 -14.83 -10.78
N TYR B 332 -12.30 -14.91 -11.76
CA TYR B 332 -11.24 -13.90 -11.92
C TYR B 332 -11.25 -13.32 -13.33
N ASN B 333 -11.23 -11.99 -13.40
CA ASN B 333 -11.31 -11.27 -14.68
C ASN B 333 -10.26 -10.17 -14.69
N VAL B 334 -9.49 -10.07 -15.78
CA VAL B 334 -8.39 -9.13 -15.90
C VAL B 334 -8.33 -8.61 -17.34
N THR B 335 -8.21 -7.29 -17.51
CA THR B 335 -8.08 -6.72 -18.84
C THR B 335 -6.93 -5.72 -18.90
N THR B 336 -6.20 -5.75 -20.01
CA THR B 336 -5.23 -4.72 -20.33
C THR B 336 -5.43 -4.11 -21.71
N THR B 337 -6.32 -4.66 -22.55
CA THR B 337 -6.59 -4.08 -23.86
C THR B 337 -8.00 -3.52 -23.99
N ALA B 338 -8.79 -3.56 -22.93
CA ALA B 338 -10.17 -3.06 -22.96
C ALA B 338 -10.46 -2.40 -21.62
N THR B 339 -11.65 -1.81 -21.49
CA THR B 339 -12.06 -1.34 -20.18
C THR B 339 -12.64 -2.50 -19.38
N PHE B 340 -12.60 -2.36 -18.04
CA PHE B 340 -13.17 -3.42 -17.21
C PHE B 340 -14.65 -3.60 -17.52
N LYS B 341 -15.36 -2.52 -17.84
CA LYS B 341 -16.76 -2.67 -18.21
C LYS B 341 -16.93 -3.46 -19.50
N GLN B 342 -16.10 -3.19 -20.51
CA GLN B 342 -16.15 -3.98 -21.74
C GLN B 342 -15.81 -5.44 -21.47
N LEU B 343 -14.88 -5.69 -20.56
CA LEU B 343 -14.51 -7.07 -20.24
C LEU B 343 -15.68 -7.80 -19.57
N MET B 344 -16.30 -7.17 -18.59
CA MET B 344 -17.39 -7.84 -17.88
C MET B 344 -18.64 -7.97 -18.76
N GLN B 345 -18.82 -7.05 -19.71
CA GLN B 345 -19.86 -7.22 -20.71
C GLN B 345 -19.65 -8.48 -21.53
N ASP B 346 -18.40 -8.74 -21.95
CA ASP B 346 -18.08 -10.00 -22.62
C ASP B 346 -18.28 -11.21 -21.71
N ALA B 347 -17.95 -11.07 -20.43
CA ALA B 347 -18.19 -12.17 -19.50
C ALA B 347 -19.67 -12.53 -19.45
N ILE B 348 -20.55 -11.52 -19.37
CA ILE B 348 -21.98 -11.79 -19.38
C ILE B 348 -22.37 -12.50 -20.67
N LEU B 349 -21.87 -11.99 -21.81
CA LEU B 349 -22.17 -12.61 -23.09
C LEU B 349 -21.69 -14.06 -23.15
N LEU B 350 -20.47 -14.33 -22.65
CA LEU B 350 -19.98 -15.71 -22.71
C LEU B 350 -20.81 -16.63 -21.81
N ALA B 351 -21.25 -16.14 -20.66
CA ALA B 351 -22.17 -16.93 -19.84
C ALA B 351 -23.48 -17.18 -20.58
N LYS B 352 -24.02 -16.16 -21.24
CA LYS B 352 -25.25 -16.35 -22.01
C LYS B 352 -25.06 -17.41 -23.08
N ARG B 353 -23.95 -17.33 -23.82
CA ARG B 353 -23.68 -18.29 -24.88
C ARG B 353 -23.57 -19.72 -24.36
N ASN B 354 -23.22 -19.88 -23.08
CA ASN B 354 -23.12 -21.18 -22.43
C ASN B 354 -24.39 -21.57 -21.67
N ASN B 355 -25.51 -20.89 -21.95
CA ASN B 355 -26.86 -21.29 -21.53
CA ASN B 355 -26.86 -21.29 -21.53
C ASN B 355 -27.10 -21.05 -20.04
N PHE B 356 -26.42 -20.08 -19.44
CA PHE B 356 -26.68 -19.75 -18.04
C PHE B 356 -27.84 -18.77 -17.95
N ASP B 357 -28.58 -18.83 -16.83
CA ASP B 357 -29.76 -17.99 -16.64
C ASP B 357 -29.44 -16.65 -16.00
N VAL B 358 -28.35 -16.58 -15.26
CA VAL B 358 -28.01 -15.41 -14.45
C VAL B 358 -26.50 -15.40 -14.29
N PHE B 359 -25.93 -14.20 -14.18
CA PHE B 359 -24.51 -14.01 -13.95
C PHE B 359 -24.35 -13.31 -12.60
N ASN B 360 -23.66 -13.97 -11.68
CA ASN B 360 -23.55 -13.53 -10.28
C ASN B 360 -22.15 -13.02 -9.99
N ALA B 361 -22.07 -11.93 -9.21
CA ALA B 361 -20.75 -11.39 -8.85
C ALA B 361 -20.81 -10.71 -7.48
N LEU B 362 -19.69 -10.75 -6.77
CA LEU B 362 -19.48 -10.02 -5.53
C LEU B 362 -18.85 -8.66 -5.81
N GLU B 363 -19.06 -7.71 -4.88
CA GLU B 363 -18.44 -6.40 -5.00
C GLU B 363 -16.98 -6.45 -4.55
N VAL B 364 -16.20 -7.39 -5.09
CA VAL B 364 -14.78 -7.52 -4.81
C VAL B 364 -14.00 -7.09 -6.05
N MET B 365 -12.69 -6.89 -5.87
CA MET B 365 -11.83 -6.40 -6.96
C MET B 365 -12.48 -5.18 -7.59
N GLN B 366 -12.51 -5.09 -8.94
CA GLN B 366 -13.09 -3.93 -9.61
C GLN B 366 -14.57 -4.11 -9.97
N ASN B 367 -15.24 -5.13 -9.42
CA ASN B 367 -16.56 -5.53 -9.91
C ASN B 367 -17.62 -4.45 -9.68
N LYS B 368 -17.63 -3.80 -8.52
CA LYS B 368 -18.75 -2.89 -8.24
C LYS B 368 -18.80 -1.74 -9.24
N SER B 369 -17.65 -1.35 -9.80
CA SER B 369 -17.60 -0.21 -10.71
C SER B 369 -18.41 -0.45 -11.98
N VAL B 370 -18.80 -1.70 -12.28
CA VAL B 370 -19.55 -1.96 -13.52
C VAL B 370 -21.00 -2.37 -13.26
N PHE B 371 -21.42 -2.54 -12.01
CA PHE B 371 -22.73 -3.13 -11.73
C PHE B 371 -23.87 -2.28 -12.27
N GLU B 372 -23.81 -0.96 -12.10
CA GLU B 372 -24.93 -0.13 -12.53
C GLU B 372 -25.01 -0.09 -14.06
N ASP B 373 -23.88 0.18 -14.71
CA ASP B 373 -23.88 0.30 -16.17
C ASP B 373 -24.27 -1.01 -16.86
N LEU B 374 -23.91 -2.15 -16.26
CA LEU B 374 -24.22 -3.44 -16.87
C LEU B 374 -25.49 -4.07 -16.30
N LYS B 375 -26.30 -3.30 -15.58
CA LYS B 375 -27.66 -3.69 -15.21
C LYS B 375 -27.68 -4.86 -14.22
N PHE B 376 -26.71 -4.92 -13.31
CA PHE B 376 -26.79 -5.84 -12.18
C PHE B 376 -27.81 -5.35 -11.17
N GLY B 377 -28.47 -6.28 -10.49
CA GLY B 377 -29.36 -5.95 -9.38
C GLY B 377 -28.74 -6.36 -8.06
N GLU B 378 -28.88 -5.50 -7.05
CA GLU B 378 -28.40 -5.83 -5.72
C GLU B 378 -29.14 -7.04 -5.18
N GLY B 379 -28.38 -7.98 -4.61
CA GLY B 379 -28.94 -9.16 -4.00
C GLY B 379 -29.50 -8.86 -2.61
N ASP B 380 -29.76 -9.95 -1.87
CA ASP B 380 -30.45 -9.84 -0.60
C ASP B 380 -29.51 -9.98 0.60
N GLY B 381 -28.21 -10.14 0.40
CA GLY B 381 -27.32 -10.34 1.52
C GLY B 381 -25.88 -10.12 1.12
N SER B 382 -24.98 -10.56 2.01
CA SER B 382 -23.56 -10.40 1.75
C SER B 382 -22.80 -11.63 2.18
N LEU B 383 -21.61 -11.78 1.61
CA LEU B 383 -20.68 -12.85 1.95
C LEU B 383 -19.54 -12.25 2.75
N LYS B 384 -19.31 -12.80 3.94
CA LYS B 384 -18.29 -12.29 4.86
C LYS B 384 -17.01 -13.08 4.65
N TYR B 385 -15.87 -12.38 4.64
CA TYR B 385 -14.55 -12.99 4.56
C TYR B 385 -13.92 -13.00 5.94
N TYR B 386 -13.35 -14.16 6.31
CA TYR B 386 -12.80 -14.38 7.64
C TYR B 386 -11.41 -14.99 7.57
N LEU B 387 -10.59 -14.68 8.56
CA LEU B 387 -9.33 -15.35 8.81
C LEU B 387 -9.34 -15.99 10.19
N TYR B 388 -8.67 -17.12 10.31
CA TYR B 388 -8.57 -17.84 11.58
C TYR B 388 -7.15 -17.69 12.11
N ASN B 389 -7.04 -17.32 13.39
CA ASN B 389 -5.75 -17.08 14.04
C ASN B 389 -4.93 -16.00 13.32
N TRP B 390 -5.56 -14.86 13.04
CA TRP B 390 -4.86 -13.76 12.38
C TRP B 390 -5.51 -12.44 12.75
N LYS B 391 -4.73 -11.49 13.28
CA LYS B 391 -5.25 -10.18 13.61
C LYS B 391 -4.70 -9.16 12.61
N CYS B 392 -5.60 -8.35 12.06
CA CYS B 392 -5.24 -7.36 11.06
C CYS B 392 -6.38 -6.36 10.90
N ALA B 393 -6.09 -5.28 10.17
CA ALA B 393 -7.14 -4.29 9.89
C ALA B 393 -8.13 -4.86 8.89
N SER B 394 -9.41 -4.51 9.07
CA SER B 394 -10.44 -4.84 8.10
C SER B 394 -10.38 -3.84 6.93
N PHE B 395 -11.06 -4.19 5.82
CA PHE B 395 -10.98 -3.35 4.63
C PHE B 395 -12.25 -3.49 3.81
N ALA B 396 -12.48 -2.48 2.97
CA ALA B 396 -13.61 -2.51 2.05
C ALA B 396 -13.42 -3.64 1.04
N PRO B 397 -14.52 -4.19 0.51
CA PRO B 397 -14.40 -5.39 -0.32
C PRO B 397 -13.74 -5.18 -1.68
N ALA B 398 -13.60 -3.94 -2.16
CA ALA B 398 -12.82 -3.70 -3.38
C ALA B 398 -11.35 -4.05 -3.19
N HIS B 399 -10.88 -4.13 -1.94
CA HIS B 399 -9.52 -4.58 -1.67
C HIS B 399 -9.43 -6.09 -1.49
N VAL B 400 -10.54 -6.82 -1.59
CA VAL B 400 -10.50 -8.27 -1.59
C VAL B 400 -10.13 -8.76 -2.98
N GLY B 401 -9.16 -9.67 -3.06
CA GLY B 401 -8.77 -10.20 -4.35
C GLY B 401 -8.84 -11.72 -4.46
N ILE B 402 -9.81 -12.33 -3.80
CA ILE B 402 -9.95 -13.78 -3.80
C ILE B 402 -11.43 -14.12 -3.75
N VAL B 403 -11.80 -15.19 -4.47
CA VAL B 403 -13.16 -15.70 -4.58
C VAL B 403 -13.11 -17.16 -4.16
N LEU B 404 -13.89 -17.52 -3.13
CA LEU B 404 -14.03 -18.91 -2.68
C LEU B 404 -15.29 -19.53 -3.28
N LEU B 405 -15.20 -20.80 -3.63
CA LEU B 405 -16.26 -21.45 -4.40
C LEU B 405 -17.56 -21.62 -3.62
N GLY C 20 24.87 23.44 -4.86
CA GLY C 20 26.10 22.69 -4.66
C GLY C 20 26.75 22.16 -5.93
N PRO C 21 27.56 21.11 -5.79
CA PRO C 21 28.28 20.56 -6.95
C PRO C 21 27.32 19.95 -7.96
N ASP C 22 27.85 19.69 -9.16
CA ASP C 22 27.01 19.22 -10.27
C ASP C 22 26.70 17.73 -10.20
N TYR C 23 27.62 16.91 -9.66
CA TYR C 23 27.47 15.45 -9.66
C TYR C 23 27.20 14.92 -11.07
N LYS C 24 28.11 15.24 -11.98
CA LYS C 24 27.88 14.95 -13.39
C LYS C 24 27.89 13.44 -13.70
N PHE C 25 28.67 12.65 -12.98
CA PHE C 25 28.58 11.21 -13.21
C PHE C 25 27.33 10.63 -12.55
N TRP C 26 27.12 10.92 -11.26
CA TRP C 26 25.99 10.33 -10.55
C TRP C 26 24.66 10.70 -11.21
N TYR C 27 24.61 11.85 -11.90
CA TYR C 27 23.39 12.32 -12.56
CA TYR C 27 23.33 12.23 -12.47
C TYR C 27 22.94 11.38 -13.67
N THR C 28 23.89 10.67 -14.29
CA THR C 28 23.56 9.70 -15.33
C THR C 28 23.16 8.34 -14.78
N GLN C 29 23.28 8.11 -13.45
CA GLN C 29 23.05 6.81 -12.81
C GLN C 29 21.66 6.72 -12.22
N PRO C 30 21.13 5.51 -12.05
CA PRO C 30 19.80 5.36 -11.40
C PRO C 30 19.91 5.48 -9.89
N VAL C 31 20.15 6.70 -9.42
CA VAL C 31 20.21 7.04 -8.00
C VAL C 31 19.40 8.32 -7.85
N PRO C 32 19.05 8.75 -6.63
CA PRO C 32 18.29 9.99 -6.49
C PRO C 32 19.10 11.19 -6.95
N LYS C 33 18.40 12.21 -7.45
CA LYS C 33 19.03 13.52 -7.59
C LYS C 33 19.18 14.13 -6.20
N ILE C 34 20.06 15.14 -6.09
CA ILE C 34 20.49 15.58 -4.77
C ILE C 34 19.35 16.20 -3.96
N ASN C 35 18.32 16.73 -4.63
CA ASN C 35 17.19 17.36 -3.95
C ASN C 35 15.96 16.47 -3.92
N ASP C 36 16.08 15.20 -4.32
CA ASP C 36 14.96 14.27 -4.26
C ASP C 36 14.59 13.91 -2.82
N GLU C 37 13.30 13.90 -2.53
CA GLU C 37 12.77 13.33 -1.31
C GLU C 37 11.63 12.40 -1.71
N PHE C 38 11.63 11.20 -1.16
CA PHE C 38 10.63 10.22 -1.51
C PHE C 38 9.77 9.94 -0.29
N ASN C 39 8.48 9.72 -0.53
CA ASN C 39 7.56 9.47 0.56
C ASN C 39 7.68 8.04 1.06
N GLU C 40 7.18 7.83 2.29
CA GLU C 40 7.39 6.57 3.00
C GLU C 40 6.83 5.38 2.21
N SER C 41 5.77 5.58 1.44
CA SER C 41 5.19 4.51 0.64
C SER C 41 5.99 4.14 -0.61
N VAL C 42 7.05 4.87 -0.95
CA VAL C 42 7.86 4.58 -2.13
C VAL C 42 8.93 3.56 -1.75
N ASN C 43 9.01 2.46 -2.50
CA ASN C 43 10.02 1.44 -2.21
C ASN C 43 10.18 0.51 -3.42
N GLU C 44 11.00 0.92 -4.39
CA GLU C 44 11.03 0.23 -5.69
C GLU C 44 12.27 0.71 -6.46
N PRO C 45 12.67 -0.03 -7.50
CA PRO C 45 13.79 0.41 -8.32
C PRO C 45 13.49 1.68 -9.10
N PHE C 46 14.56 2.37 -9.47
CA PHE C 46 14.46 3.38 -10.51
C PHE C 46 14.19 2.74 -11.87
N ILE C 47 14.90 1.66 -12.18
CA ILE C 47 14.78 0.98 -13.47
C ILE C 47 14.49 -0.49 -13.19
N SER C 48 13.38 -0.99 -13.73
CA SER C 48 12.98 -2.38 -13.60
CA SER C 48 13.00 -2.38 -13.61
C SER C 48 12.99 -3.03 -14.98
N ASP C 49 12.70 -4.34 -15.01
CA ASP C 49 12.66 -5.13 -16.24
C ASP C 49 14.02 -5.15 -16.94
N ASN C 50 15.08 -5.20 -16.15
CA ASN C 50 16.43 -5.30 -16.68
C ASN C 50 16.70 -6.69 -17.28
N LYS C 51 17.59 -6.75 -18.26
CA LYS C 51 17.85 -7.98 -19.01
C LYS C 51 19.35 -8.29 -19.05
N VAL C 52 19.72 -9.48 -18.55
CA VAL C 52 21.14 -9.88 -18.61
C VAL C 52 21.63 -9.93 -20.06
N GLU C 53 20.76 -10.35 -20.98
CA GLU C 53 21.17 -10.49 -22.37
C GLU C 53 21.61 -9.15 -22.97
N ASP C 54 21.13 -8.04 -22.42
CA ASP C 54 21.41 -6.72 -22.97
C ASP C 54 22.61 -6.04 -22.34
N VAL C 55 23.21 -6.63 -21.31
CA VAL C 55 24.33 -6.02 -20.61
C VAL C 55 25.55 -5.97 -21.53
N ARG C 56 26.30 -4.88 -21.47
CA ARG C 56 27.54 -4.77 -22.23
C ARG C 56 28.45 -5.94 -21.92
N LYS C 57 28.98 -6.57 -22.97
CA LYS C 57 29.88 -7.69 -22.77
C LYS C 57 31.34 -7.30 -22.82
N ASP C 58 31.65 -6.04 -23.19
CA ASP C 58 33.00 -5.51 -23.27
C ASP C 58 33.38 -4.75 -22.00
N GLU C 59 34.61 -4.94 -21.53
CA GLU C 59 35.10 -4.17 -20.40
C GLU C 59 35.18 -2.70 -20.79
N TYR C 60 34.94 -1.83 -19.81
CA TYR C 60 35.08 -0.40 -20.03
C TYR C 60 36.53 -0.05 -20.35
N LYS C 61 36.68 1.00 -21.15
CA LYS C 61 37.99 1.37 -21.66
C LYS C 61 38.81 2.10 -20.58
N LEU C 62 40.10 1.85 -20.58
CA LEU C 62 41.06 2.47 -19.66
C LEU C 62 42.08 3.27 -20.47
N PRO C 63 42.77 4.24 -19.85
CA PRO C 63 43.80 5.03 -20.56
C PRO C 63 44.96 4.17 -21.04
N PRO C 64 45.73 4.66 -22.01
CA PRO C 64 46.85 3.86 -22.55
C PRO C 64 47.85 3.48 -21.47
N GLY C 65 48.21 2.21 -21.44
CA GLY C 65 49.13 1.69 -20.45
C GLY C 65 48.47 1.14 -19.21
N TYR C 66 47.15 1.19 -19.10
CA TYR C 66 46.43 0.68 -17.95
C TYR C 66 45.58 -0.52 -18.35
N SER C 67 45.48 -1.53 -17.46
CA SER C 67 44.83 -2.79 -17.78
C SER C 67 43.96 -3.26 -16.63
N TRP C 68 42.78 -3.81 -16.94
CA TRP C 68 42.05 -4.55 -15.91
C TRP C 68 42.85 -5.77 -15.46
N TYR C 69 42.70 -6.14 -14.18
CA TYR C 69 43.42 -7.26 -13.61
C TYR C 69 42.47 -8.09 -12.76
N VAL C 70 42.57 -9.41 -12.88
CA VAL C 70 41.72 -10.35 -12.16
C VAL C 70 42.40 -10.63 -10.82
N CYS C 71 41.93 -10.00 -9.75
CA CYS C 71 42.53 -10.22 -8.44
C CYS C 71 42.00 -11.52 -7.83
N ASP C 72 42.91 -12.47 -7.55
CA ASP C 72 42.56 -13.71 -6.85
C ASP C 72 42.95 -13.50 -5.39
N VAL C 73 41.97 -13.13 -4.55
CA VAL C 73 42.28 -12.83 -3.16
CA VAL C 73 42.25 -12.84 -3.15
C VAL C 73 42.75 -14.06 -2.40
N LYS C 74 42.44 -15.27 -2.88
CA LYS C 74 42.97 -16.46 -2.24
C LYS C 74 44.43 -16.71 -2.59
N ASP C 75 44.96 -16.01 -3.58
CA ASP C 75 46.38 -16.07 -3.93
C ASP C 75 47.16 -15.09 -3.05
N GLU C 76 48.17 -15.59 -2.32
CA GLU C 76 48.88 -14.74 -1.37
C GLU C 76 49.52 -13.53 -2.05
N LYS C 77 50.04 -13.72 -3.27
CA LYS C 77 50.70 -12.61 -3.97
C LYS C 77 49.69 -11.54 -4.41
N ASP C 78 48.59 -11.96 -5.02
CA ASP C 78 47.54 -11.00 -5.40
C ASP C 78 47.00 -10.28 -4.18
N ARG C 79 46.77 -11.02 -3.10
CA ARG C 79 46.25 -10.41 -1.88
C ARG C 79 47.20 -9.36 -1.34
N SER C 80 48.51 -9.65 -1.38
CA SER C 80 49.49 -8.68 -0.89
CA SER C 80 49.49 -8.69 -0.89
C SER C 80 49.50 -7.43 -1.74
N GLU C 81 49.23 -7.54 -3.05
CA GLU C 81 49.18 -6.35 -3.89
CA GLU C 81 49.16 -6.37 -3.91
C GLU C 81 48.00 -5.47 -3.52
N ILE C 82 46.83 -6.06 -3.25
CA ILE C 82 45.69 -5.29 -2.77
C ILE C 82 46.03 -4.65 -1.43
N TYR C 83 46.62 -5.44 -0.53
CA TYR C 83 46.99 -4.92 0.78
C TYR C 83 47.84 -3.66 0.64
N THR C 84 48.89 -3.73 -0.18
CA THR C 84 49.80 -2.61 -0.29
C THR C 84 49.15 -1.40 -0.94
N LEU C 85 48.33 -1.62 -1.97
CA LEU C 85 47.60 -0.51 -2.57
C LEU C 85 46.77 0.22 -1.53
N LEU C 86 46.00 -0.53 -0.74
CA LEU C 86 45.13 0.11 0.25
C LEU C 86 45.95 0.73 1.39
N THR C 87 46.97 0.03 1.88
CA THR C 87 47.79 0.60 2.94
C THR C 87 48.32 1.97 2.56
N ASP C 88 48.74 2.12 1.30
CA ASP C 88 49.32 3.37 0.84
C ASP C 88 48.30 4.40 0.38
N ASN C 89 47.09 3.99 -0.01
CA ASN C 89 46.24 4.91 -0.76
C ASN C 89 44.78 4.95 -0.36
N TYR C 90 44.38 4.25 0.70
CA TYR C 90 42.96 4.13 1.02
C TYR C 90 42.53 5.29 1.95
N VAL C 91 41.45 5.08 2.71
CA VAL C 91 40.73 6.16 3.38
C VAL C 91 41.60 6.82 4.45
N GLU C 92 41.61 8.15 4.44
CA GLU C 92 42.17 8.95 5.52
C GLU C 92 41.05 9.75 6.20
N ASP C 93 41.27 10.09 7.46
CA ASP C 93 40.37 11.02 8.11
C ASP C 93 40.52 12.42 7.50
N ASP C 94 39.60 13.31 7.84
CA ASP C 94 39.56 14.62 7.20
C ASP C 94 40.80 15.45 7.50
N ASP C 95 41.46 15.21 8.63
CA ASP C 95 42.66 15.94 8.99
C ASP C 95 43.95 15.22 8.59
N ASN C 96 43.84 14.08 7.90
CA ASN C 96 45.00 13.33 7.43
C ASN C 96 45.92 12.91 8.58
N ILE C 97 45.31 12.54 9.70
CA ILE C 97 46.03 12.00 10.86
C ILE C 97 46.27 10.50 10.69
N PHE C 98 45.31 9.81 10.10
CA PHE C 98 45.24 8.37 10.05
C PHE C 98 44.95 7.91 8.63
N ARG C 99 45.40 6.70 8.30
CA ARG C 99 44.99 6.02 7.08
CA ARG C 99 45.00 6.02 7.07
C ARG C 99 44.67 4.58 7.43
N PHE C 100 43.53 4.08 6.95
CA PHE C 100 43.13 2.70 7.24
C PHE C 100 44.21 1.73 6.80
N ASN C 101 44.42 0.69 7.61
CA ASN C 101 45.44 -0.32 7.33
C ASN C 101 44.82 -1.71 7.52
N TYR C 102 43.79 -2.01 6.71
CA TYR C 102 43.22 -3.35 6.66
C TYR C 102 44.30 -4.40 6.42
N SER C 103 44.35 -5.42 7.26
CA SER C 103 45.36 -6.46 7.08
C SER C 103 45.04 -7.36 5.90
N ALA C 104 46.06 -8.11 5.45
CA ALA C 104 45.86 -9.10 4.39
C ALA C 104 44.84 -10.16 4.81
N GLU C 105 44.92 -10.64 6.05
CA GLU C 105 43.96 -11.66 6.51
C GLU C 105 42.56 -11.08 6.59
N PHE C 106 42.44 -9.80 6.98
CA PHE C 106 41.12 -9.15 6.97
C PHE C 106 40.55 -9.10 5.56
N LEU C 107 41.39 -8.74 4.58
CA LEU C 107 40.88 -8.63 3.22
C LEU C 107 40.38 -9.99 2.69
N LEU C 108 41.10 -11.07 3.01
CA LEU C 108 40.64 -12.40 2.64
C LEU C 108 39.25 -12.67 3.19
N TRP C 109 39.05 -12.36 4.48
CA TRP C 109 37.76 -12.60 5.13
C TRP C 109 36.67 -11.74 4.53
N ALA C 110 36.97 -10.46 4.29
CA ALA C 110 35.96 -9.52 3.80
C ALA C 110 35.49 -9.85 2.40
N LEU C 111 36.30 -10.52 1.58
CA LEU C 111 36.00 -10.66 0.17
C LEU C 111 35.59 -12.07 -0.25
N THR C 112 35.70 -13.06 0.62
CA THR C 112 35.42 -14.46 0.28
C THR C 112 34.23 -15.01 1.07
N SER C 113 33.22 -14.17 1.26
CA SER C 113 31.98 -14.57 1.91
C SER C 113 31.22 -15.54 1.01
N PRO C 114 30.17 -16.19 1.53
CA PRO C 114 29.53 -17.27 0.77
C PRO C 114 29.03 -16.82 -0.60
N ASN C 115 29.30 -17.65 -1.61
CA ASN C 115 28.89 -17.46 -3.00
C ASN C 115 29.53 -16.23 -3.62
N TYR C 116 30.66 -15.77 -3.09
CA TYR C 116 31.34 -14.62 -3.67
C TYR C 116 31.76 -14.92 -5.11
N LEU C 117 31.89 -13.86 -5.90
CA LEU C 117 32.30 -13.96 -7.31
C LEU C 117 33.70 -13.38 -7.46
N LYS C 118 34.63 -14.16 -8.03
CA LYS C 118 35.96 -13.61 -8.27
C LYS C 118 35.92 -12.49 -9.32
N THR C 119 34.93 -12.52 -10.21
CA THR C 119 34.77 -11.44 -11.18
C THR C 119 34.49 -10.10 -10.53
N TRP C 120 34.09 -10.08 -9.25
CA TRP C 120 33.79 -8.84 -8.57
C TRP C 120 34.94 -8.32 -7.72
N HIS C 121 36.14 -8.89 -7.88
CA HIS C 121 37.36 -8.41 -7.22
C HIS C 121 38.23 -7.81 -8.32
N ILE C 122 38.09 -6.50 -8.54
CA ILE C 122 38.57 -5.87 -9.77
C ILE C 122 39.77 -4.98 -9.47
N GLY C 123 40.89 -5.27 -10.11
CA GLY C 123 42.06 -4.41 -10.03
C GLY C 123 42.33 -3.71 -11.35
N VAL C 124 43.12 -2.64 -11.28
CA VAL C 124 43.66 -1.97 -12.46
C VAL C 124 45.17 -1.87 -12.24
N LYS C 125 45.95 -2.33 -13.21
CA LYS C 125 47.39 -2.28 -13.14
C LYS C 125 47.92 -1.22 -14.10
N TYR C 126 49.08 -0.66 -13.77
CA TYR C 126 49.84 0.11 -14.74
C TYR C 126 50.86 -0.83 -15.39
N ASP C 127 50.73 -1.05 -16.70
CA ASP C 127 51.53 -2.08 -17.37
C ASP C 127 53.03 -1.84 -17.24
N ALA C 128 53.46 -0.59 -17.14
CA ALA C 128 54.89 -0.28 -17.13
C ALA C 128 55.57 -0.77 -15.87
N SER C 129 54.82 -0.81 -14.78
CA SER C 129 55.35 -1.15 -13.46
C SER C 129 54.83 -2.47 -12.93
N ASN C 130 53.78 -3.02 -13.55
CA ASN C 130 53.08 -4.20 -13.04
C ASN C 130 52.57 -3.97 -11.61
N LYS C 131 52.19 -2.74 -11.30
CA LYS C 131 51.69 -2.40 -9.98
C LYS C 131 50.20 -2.11 -10.04
N LEU C 132 49.49 -2.53 -9.01
CA LEU C 132 48.08 -2.21 -8.88
C LEU C 132 47.92 -0.73 -8.56
N ILE C 133 47.15 0.00 -9.37
CA ILE C 133 46.91 1.41 -9.10
C ILE C 133 45.46 1.70 -8.80
N GLY C 134 44.57 0.70 -8.92
CA GLY C 134 43.16 0.87 -8.57
C GLY C 134 42.55 -0.44 -8.16
N PHE C 135 41.43 -0.35 -7.42
CA PHE C 135 40.72 -1.53 -6.94
C PHE C 135 39.27 -1.16 -6.63
N ILE C 136 38.38 -2.12 -6.84
CA ILE C 136 37.01 -2.00 -6.37
C ILE C 136 36.47 -3.41 -6.19
N SER C 137 35.59 -3.60 -5.20
CA SER C 137 35.13 -4.95 -4.89
C SER C 137 33.64 -4.94 -4.54
N ALA C 138 33.03 -6.11 -4.68
CA ALA C 138 31.67 -6.33 -4.23
C ALA C 138 31.52 -7.78 -3.79
N ILE C 139 30.58 -8.00 -2.87
CA ILE C 139 30.15 -9.35 -2.50
C ILE C 139 28.63 -9.40 -2.55
N PRO C 140 28.03 -10.57 -2.81
CA PRO C 140 26.57 -10.65 -2.89
C PRO C 140 25.94 -10.93 -1.54
N THR C 141 24.76 -10.34 -1.32
CA THR C 141 24.02 -10.61 -0.10
C THR C 141 22.56 -10.20 -0.34
N ASP C 142 21.66 -10.82 0.40
CA ASP C 142 20.25 -10.42 0.41
C ASP C 142 20.06 -9.26 1.38
N ILE C 143 19.47 -8.17 0.89
CA ILE C 143 19.27 -6.95 1.66
C ILE C 143 17.78 -6.71 1.78
N CYS C 144 17.30 -6.55 3.01
CA CYS C 144 15.91 -6.17 3.23
C CYS C 144 15.86 -4.65 3.41
N ILE C 145 15.13 -3.97 2.55
CA ILE C 145 14.93 -2.53 2.65
C ILE C 145 13.44 -2.29 2.76
N HIS C 146 13.01 -1.75 3.90
CA HIS C 146 11.60 -1.40 4.10
C HIS C 146 10.71 -2.61 3.78
N LYS C 147 11.08 -3.77 4.32
CA LYS C 147 10.31 -5.02 4.23
C LYS C 147 10.26 -5.62 2.83
N ARG C 148 11.17 -5.24 1.92
CA ARG C 148 11.33 -5.94 0.64
C ARG C 148 12.75 -6.50 0.61
N THR C 149 12.89 -7.79 0.32
CA THR C 149 14.21 -8.42 0.32
C THR C 149 14.68 -8.57 -1.12
N ILE C 150 15.84 -7.99 -1.42
CA ILE C 150 16.39 -7.85 -2.76
C ILE C 150 17.80 -8.40 -2.77
N LYS C 151 18.15 -9.18 -3.78
CA LYS C 151 19.54 -9.61 -3.90
C LYS C 151 20.38 -8.43 -4.37
N MET C 152 21.44 -8.11 -3.62
CA MET C 152 22.25 -6.93 -3.89
C MET C 152 23.74 -7.25 -3.88
N ALA C 153 24.50 -6.34 -4.48
CA ALA C 153 25.95 -6.28 -4.34
C ALA C 153 26.31 -5.28 -3.25
N GLU C 154 27.23 -5.66 -2.39
CA GLU C 154 27.75 -4.79 -1.34
C GLU C 154 29.13 -4.34 -1.80
N VAL C 155 29.25 -3.05 -2.13
CA VAL C 155 30.44 -2.53 -2.80
C VAL C 155 31.35 -1.89 -1.75
N ASN C 156 32.64 -2.20 -1.83
CA ASN C 156 33.57 -1.73 -0.81
C ASN C 156 34.96 -1.68 -1.42
N PHE C 157 35.86 -0.97 -0.74
CA PHE C 157 37.30 -0.94 -1.05
C PHE C 157 37.59 -0.28 -2.40
N LEU C 158 36.75 0.66 -2.82
CA LEU C 158 37.10 1.49 -3.97
C LEU C 158 38.33 2.33 -3.65
N CYS C 159 39.37 2.22 -4.48
CA CYS C 159 40.61 2.92 -4.19
C CYS C 159 41.32 3.27 -5.50
N VAL C 160 41.74 4.53 -5.65
CA VAL C 160 42.62 4.94 -6.74
C VAL C 160 43.92 5.50 -6.14
N HIS C 161 45.05 5.14 -6.76
CA HIS C 161 46.36 5.60 -6.30
C HIS C 161 46.39 7.12 -6.12
N LYS C 162 47.08 7.57 -5.06
CA LYS C 162 47.12 8.99 -4.72
C LYS C 162 47.62 9.87 -5.86
N THR C 163 48.53 9.37 -6.70
CA THR C 163 49.05 10.16 -7.81
C THR C 163 48.09 10.23 -8.99
N LEU C 164 46.97 9.51 -8.95
CA LEU C 164 46.06 9.47 -10.08
C LEU C 164 44.69 10.02 -9.72
N ARG C 165 44.61 10.89 -8.71
CA ARG C 165 43.34 11.39 -8.22
C ARG C 165 42.76 12.48 -9.12
N SER C 166 41.43 12.59 -9.08
CA SER C 166 40.67 13.62 -9.81
C SER C 166 40.89 13.55 -11.32
N LYS C 167 41.03 12.32 -11.83
CA LYS C 167 41.22 12.08 -13.25
C LYS C 167 40.05 11.29 -13.85
N ARG C 168 38.97 11.14 -13.09
CA ARG C 168 37.77 10.43 -13.51
C ARG C 168 38.01 8.94 -13.69
N LEU C 169 38.93 8.35 -12.92
CA LEU C 169 39.06 6.89 -12.94
C LEU C 169 37.98 6.19 -12.12
N ALA C 170 37.52 6.80 -11.02
CA ALA C 170 36.57 6.09 -10.17
C ALA C 170 35.26 5.77 -10.89
N PRO C 171 34.70 6.65 -11.73
CA PRO C 171 33.51 6.23 -12.49
C PRO C 171 33.79 5.07 -13.41
N VAL C 172 35.02 4.91 -13.92
CA VAL C 172 35.31 3.73 -14.73
C VAL C 172 35.22 2.47 -13.89
N LEU C 173 35.84 2.49 -12.69
CA LEU C 173 35.77 1.35 -11.79
CA LEU C 173 35.76 1.36 -11.79
C LEU C 173 34.33 1.06 -11.40
N ILE C 174 33.54 2.10 -11.15
CA ILE C 174 32.15 1.90 -10.73
C ILE C 174 31.32 1.32 -11.88
N LYS C 175 31.48 1.87 -13.09
CA LYS C 175 30.70 1.35 -14.21
C LYS C 175 31.09 -0.10 -14.52
N GLU C 176 32.38 -0.41 -14.43
CA GLU C 176 32.81 -1.77 -14.76
C GLU C 176 32.30 -2.78 -13.73
N ILE C 177 32.37 -2.46 -12.43
CA ILE C 177 31.81 -3.44 -11.50
C ILE C 177 30.29 -3.52 -11.65
N THR C 178 29.61 -2.42 -11.99
CA THR C 178 28.17 -2.49 -12.23
C THR C 178 27.86 -3.48 -13.35
N ARG C 179 28.63 -3.41 -14.42
CA ARG C 179 28.46 -4.32 -15.56
C ARG C 179 28.58 -5.77 -15.11
N ARG C 180 29.64 -6.08 -14.36
CA ARG C 180 29.88 -7.47 -13.96
C ARG C 180 28.84 -7.94 -12.96
N ILE C 181 28.32 -7.03 -12.14
CA ILE C 181 27.24 -7.38 -11.23
C ILE C 181 25.96 -7.64 -12.01
N ASN C 182 25.70 -6.83 -13.05
CA ASN C 182 24.49 -7.04 -13.84
C ASN C 182 24.52 -8.38 -14.57
N LEU C 183 25.73 -8.88 -14.90
CA LEU C 183 25.85 -10.19 -15.52
C LEU C 183 25.43 -11.34 -14.60
N GLU C 184 25.23 -11.05 -13.32
CA GLU C 184 24.67 -12.00 -12.36
C GLU C 184 23.19 -11.78 -12.11
N ASN C 185 22.53 -10.99 -12.96
CA ASN C 185 21.10 -10.68 -12.84
C ASN C 185 20.81 -9.98 -11.52
N ILE C 186 21.76 -9.15 -11.09
CA ILE C 186 21.64 -8.32 -9.89
C ILE C 186 21.70 -6.87 -10.31
N TRP C 187 20.74 -6.08 -9.82
CA TRP C 187 20.51 -4.74 -10.35
C TRP C 187 20.47 -3.68 -9.27
N GLN C 188 20.67 -4.05 -8.01
CA GLN C 188 20.72 -3.14 -6.88
C GLN C 188 22.03 -3.34 -6.13
N ALA C 189 22.50 -2.29 -5.45
CA ALA C 189 23.69 -2.41 -4.63
C ALA C 189 23.53 -1.54 -3.39
N ILE C 190 24.27 -1.89 -2.35
CA ILE C 190 24.36 -1.09 -1.14
C ILE C 190 25.81 -0.69 -0.97
N TYR C 191 26.04 0.55 -0.53
CA TYR C 191 27.40 1.04 -0.33
C TYR C 191 27.39 2.13 0.74
N THR C 192 28.54 2.32 1.38
CA THR C 192 28.71 3.41 2.33
C THR C 192 29.89 4.27 1.92
N ALA C 193 29.88 5.52 2.38
CA ALA C 193 31.00 6.41 2.11
C ALA C 193 30.93 7.59 3.07
N GLY C 194 32.10 8.19 3.30
CA GLY C 194 32.15 9.40 4.11
C GLY C 194 31.73 10.64 3.35
N VAL C 195 32.04 10.71 2.05
CA VAL C 195 31.64 11.88 1.28
C VAL C 195 30.13 11.90 1.07
N TYR C 196 29.60 13.10 0.83
CA TYR C 196 28.16 13.32 0.61
C TYR C 196 27.90 13.25 -0.89
N LEU C 197 27.08 12.29 -1.30
CA LEU C 197 26.79 11.92 -2.67
C LEU C 197 25.29 11.86 -2.84
N PRO C 198 24.79 11.89 -4.07
CA PRO C 198 23.34 11.69 -4.27
C PRO C 198 22.99 10.21 -4.12
N LYS C 199 22.13 9.87 -3.15
CA LYS C 199 21.68 10.67 -2.00
C LYS C 199 21.53 9.64 -0.88
N PRO C 200 21.98 9.95 0.32
CA PRO C 200 21.96 8.93 1.39
C PRO C 200 20.54 8.46 1.70
N VAL C 201 20.40 7.15 1.94
CA VAL C 201 19.19 6.66 2.59
C VAL C 201 19.25 6.82 4.10
N SER C 202 20.45 6.89 4.68
CA SER C 202 20.62 7.20 6.09
C SER C 202 22.01 7.78 6.30
N ASP C 203 22.17 8.49 7.40
CA ASP C 203 23.45 9.10 7.78
C ASP C 203 23.74 8.74 9.23
N ALA C 204 24.93 8.17 9.50
CA ALA C 204 25.26 7.73 10.86
C ALA C 204 26.57 8.36 11.34
N ARG C 205 26.47 9.24 12.34
CA ARG C 205 27.67 9.73 13.00
C ARG C 205 28.43 8.57 13.64
N TYR C 206 29.75 8.69 13.70
CA TYR C 206 30.54 7.74 14.46
C TYR C 206 31.06 8.35 15.76
N TYR C 207 31.29 7.46 16.73
CA TYR C 207 31.65 7.80 18.09
C TYR C 207 32.80 6.90 18.53
N HIS C 208 33.60 7.40 19.47
CA HIS C 208 34.85 6.75 19.83
C HIS C 208 34.91 6.64 21.35
N ARG C 209 35.13 5.43 21.85
CA ARG C 209 35.37 5.23 23.28
C ARG C 209 36.86 4.98 23.49
N SER C 210 37.51 5.88 24.21
CA SER C 210 38.95 5.78 24.46
C SER C 210 39.26 4.63 25.40
N ILE C 211 40.24 3.81 25.04
CA ILE C 211 40.76 2.76 25.94
C ILE C 211 42.19 3.06 26.37
N ASN C 212 43.09 3.25 25.41
CA ASN C 212 44.47 3.64 25.69
C ASN C 212 44.54 5.17 25.65
N VAL C 213 44.20 5.77 26.79
CA VAL C 213 44.02 7.22 26.85
C VAL C 213 45.33 7.94 26.57
N LYS C 214 46.42 7.51 27.23
CA LYS C 214 47.72 8.15 27.05
C LYS C 214 48.12 8.19 25.58
N LYS C 215 48.01 7.05 24.90
CA LYS C 215 48.39 7.01 23.49
C LYS C 215 47.47 7.89 22.64
N LEU C 216 46.16 7.85 22.90
CA LEU C 216 45.21 8.61 22.11
C LEU C 216 45.45 10.11 22.23
N ILE C 217 45.81 10.57 23.44
CA ILE C 217 46.16 11.98 23.61
C ILE C 217 47.43 12.31 22.83
N GLU C 218 48.45 11.44 22.94
CA GLU C 218 49.74 11.73 22.32
C GLU C 218 49.62 11.91 20.81
N ILE C 219 48.80 11.09 20.16
CA ILE C 219 48.73 11.12 18.70
C ILE C 219 47.71 12.13 18.18
N GLY C 220 47.05 12.87 19.06
CA GLY C 220 46.06 13.84 18.64
C GLY C 220 44.77 13.23 18.13
N PHE C 221 44.41 12.04 18.62
CA PHE C 221 43.14 11.46 18.29
C PHE C 221 42.04 12.23 19.01
N SER C 231 39.29 13.52 34.65
CA SER C 231 38.12 13.17 33.87
C SER C 231 38.51 12.17 32.80
N ARG C 232 39.21 12.67 31.77
CA ARG C 232 40.01 11.78 30.93
C ARG C 232 40.92 10.94 31.81
N ALA C 233 41.71 11.61 32.64
CA ALA C 233 42.60 11.04 33.64
C ALA C 233 42.12 9.69 34.18
N ILE C 234 41.03 9.71 34.95
CA ILE C 234 40.68 8.62 35.85
C ILE C 234 39.45 7.87 35.36
N LYS C 235 38.39 8.59 35.00
CA LYS C 235 37.14 7.95 34.62
C LYS C 235 37.34 7.01 33.44
N LEU C 236 38.18 7.41 32.47
CA LEU C 236 38.44 6.60 31.29
C LEU C 236 39.51 5.54 31.56
N TYR C 237 40.62 5.92 32.17
CA TYR C 237 41.72 4.99 32.41
C TYR C 237 41.40 3.96 33.49
N ARG C 238 40.17 3.93 34.02
CA ARG C 238 39.75 2.94 34.99
C ARG C 238 38.57 2.15 34.42
N VAL C 239 38.84 0.94 33.98
CA VAL C 239 37.84 -0.01 33.52
C VAL C 239 37.95 -1.25 34.40
N GLU C 240 36.81 -1.67 34.99
CA GLU C 240 36.83 -2.87 35.83
C GLU C 240 36.93 -4.12 34.96
N ASP C 241 37.91 -4.97 35.27
CA ASP C 241 38.19 -6.13 34.44
C ASP C 241 37.30 -7.31 34.83
N THR C 242 36.00 -7.07 34.99
CA THR C 242 35.05 -8.14 35.23
C THR C 242 33.82 -7.95 34.34
N LEU C 243 33.40 -9.02 33.67
CA LEU C 243 32.26 -8.98 32.77
C LEU C 243 30.96 -8.87 33.53
N ASN C 244 30.02 -8.10 32.99
CA ASN C 244 28.65 -8.13 33.50
C ASN C 244 27.99 -9.46 33.20
N ILE C 245 28.31 -10.05 32.06
CA ILE C 245 27.74 -11.31 31.64
C ILE C 245 28.87 -12.33 31.75
N LYS C 246 28.92 -13.04 32.88
CA LYS C 246 30.15 -13.74 33.27
C LYS C 246 30.56 -14.80 32.27
N ASN C 247 29.61 -15.39 31.55
CA ASN C 247 29.92 -16.52 30.70
C ASN C 247 30.17 -16.15 29.22
N MET C 248 30.28 -14.85 28.90
CA MET C 248 30.64 -14.45 27.53
CA MET C 248 30.65 -14.45 27.54
C MET C 248 31.94 -15.12 27.12
N ARG C 249 31.90 -15.85 26.00
CA ARG C 249 33.04 -16.64 25.52
C ARG C 249 33.12 -16.58 24.01
N LEU C 250 34.31 -16.85 23.45
CA LEU C 250 34.43 -16.85 22.00
C LEU C 250 33.45 -17.84 21.38
N MET C 251 32.83 -17.42 20.28
CA MET C 251 31.92 -18.27 19.55
C MET C 251 32.66 -19.47 18.96
N LYS C 252 31.98 -20.62 18.93
CA LYS C 252 32.49 -21.84 18.34
C LYS C 252 31.52 -22.32 17.27
N LYS C 253 31.95 -23.31 16.46
CA LYS C 253 31.10 -23.76 15.35
C LYS C 253 29.74 -24.24 15.84
N LYS C 254 29.70 -24.91 17.00
CA LYS C 254 28.42 -25.40 17.51
C LYS C 254 27.41 -24.28 17.77
N ASP C 255 27.86 -23.02 17.89
CA ASP C 255 26.98 -21.90 18.19
C ASP C 255 26.34 -21.28 16.95
N VAL C 256 26.68 -21.74 15.75
CA VAL C 256 26.25 -21.02 14.54
C VAL C 256 24.73 -20.95 14.47
N GLU C 257 24.03 -22.06 14.70
CA GLU C 257 22.57 -22.03 14.58
C GLU C 257 21.96 -21.09 15.63
N GLY C 258 22.47 -21.14 16.85
CA GLY C 258 21.96 -20.23 17.88
C GLY C 258 22.19 -18.77 17.54
N VAL C 259 23.38 -18.43 17.04
CA VAL C 259 23.64 -17.05 16.63
C VAL C 259 22.73 -16.66 15.48
N HIS C 260 22.52 -17.58 14.53
CA HIS C 260 21.64 -17.29 13.40
C HIS C 260 20.22 -16.96 13.87
N LYS C 261 19.69 -17.75 14.82
CA LYS C 261 18.36 -17.47 15.36
C LYS C 261 18.34 -16.14 16.10
N LEU C 262 19.36 -15.87 16.93
CA LEU C 262 19.36 -14.68 17.76
C LEU C 262 19.50 -13.42 16.91
N LEU C 263 20.51 -13.39 16.04
CA LEU C 263 20.71 -12.20 15.23
C LEU C 263 19.64 -12.07 14.15
N GLY C 264 19.22 -13.19 13.56
CA GLY C 264 18.24 -13.11 12.48
C GLY C 264 16.90 -12.56 12.96
N SER C 265 16.47 -12.97 14.16
CA SER C 265 15.23 -12.42 14.71
C SER C 265 15.39 -10.95 15.08
N TYR C 266 16.53 -10.62 15.70
CA TYR C 266 16.80 -9.25 16.14
C TYR C 266 16.77 -8.26 14.97
N LEU C 267 17.35 -8.66 13.84
CA LEU C 267 17.52 -7.68 12.75
C LEU C 267 16.20 -7.32 12.06
N GLU C 268 15.17 -8.17 12.18
CA GLU C 268 13.92 -7.94 11.44
C GLU C 268 13.25 -6.64 11.83
N GLN C 269 13.61 -6.06 12.97
CA GLN C 269 12.98 -4.81 13.39
C GLN C 269 13.45 -3.60 12.59
N PHE C 270 14.57 -3.70 11.87
CA PHE C 270 15.16 -2.51 11.25
C PHE C 270 14.65 -2.31 9.82
N ASN C 271 14.84 -1.08 9.32
CA ASN C 271 14.43 -0.74 7.96
C ASN C 271 15.44 -1.18 6.90
N LEU C 272 16.67 -1.51 7.30
CA LEU C 272 17.70 -1.90 6.35
C LEU C 272 18.63 -2.88 7.02
N TYR C 273 18.70 -4.10 6.50
CA TYR C 273 19.56 -5.12 7.09
C TYR C 273 19.84 -6.22 6.08
N ALA C 274 20.92 -6.97 6.32
CA ALA C 274 21.20 -8.17 5.54
C ALA C 274 20.41 -9.35 6.11
N VAL C 275 19.88 -10.18 5.23
CA VAL C 275 19.15 -11.38 5.64
C VAL C 275 20.16 -12.52 5.59
N PHE C 276 20.78 -12.83 6.73
CA PHE C 276 21.90 -13.79 6.78
C PHE C 276 21.40 -15.23 6.68
N THR C 277 22.04 -16.03 5.82
CA THR C 277 21.89 -17.47 5.89
C THR C 277 22.78 -18.04 6.99
N LYS C 278 22.60 -19.32 7.29
CA LYS C 278 23.44 -19.98 8.29
C LYS C 278 24.90 -19.99 7.85
N GLU C 279 25.15 -20.19 6.54
CA GLU C 279 26.52 -20.19 6.03
C GLU C 279 27.14 -18.81 6.16
N GLU C 280 26.33 -17.75 5.99
CA GLU C 280 26.83 -16.39 6.17
C GLU C 280 27.12 -16.11 7.64
N ILE C 281 26.26 -16.57 8.55
CA ILE C 281 26.55 -16.42 9.97
C ILE C 281 27.90 -17.03 10.30
N ALA C 282 28.15 -18.25 9.81
CA ALA C 282 29.42 -18.90 10.11
C ALA C 282 30.59 -18.08 9.58
N HIS C 283 30.46 -17.57 8.35
CA HIS C 283 31.56 -16.79 7.78
C HIS C 283 31.77 -15.47 8.52
N TRP C 284 30.68 -14.72 8.73
CA TRP C 284 30.87 -13.36 9.24
C TRP C 284 31.15 -13.32 10.74
N PHE C 285 30.88 -14.40 11.49
CA PHE C 285 31.04 -14.30 12.93
C PHE C 285 32.02 -15.28 13.57
N LEU C 286 32.32 -16.42 12.95
CA LEU C 286 33.24 -17.33 13.64
C LEU C 286 34.61 -16.66 13.78
N PRO C 287 35.20 -16.63 14.98
CA PRO C 287 36.30 -15.70 15.23
C PRO C 287 37.58 -16.07 14.48
N ILE C 288 38.28 -15.01 14.07
CA ILE C 288 39.59 -15.08 13.43
C ILE C 288 40.45 -14.04 14.13
N GLU C 289 41.55 -14.47 14.74
CA GLU C 289 42.35 -13.55 15.52
C GLU C 289 42.80 -12.35 14.68
N ASN C 290 42.70 -11.16 15.27
CA ASN C 290 43.08 -9.88 14.65
C ASN C 290 42.23 -9.54 13.44
N VAL C 291 41.06 -10.17 13.31
CA VAL C 291 40.14 -9.85 12.22
C VAL C 291 38.72 -9.67 12.78
N ILE C 292 38.12 -10.73 13.31
CA ILE C 292 36.74 -10.69 13.77
C ILE C 292 36.64 -11.42 15.10
N TYR C 293 35.98 -10.77 16.07
CA TYR C 293 35.82 -11.27 17.43
C TYR C 293 34.33 -11.38 17.70
N THR C 294 33.85 -12.58 18.02
CA THR C 294 32.45 -12.78 18.39
C THR C 294 32.40 -13.55 19.69
N TYR C 295 31.65 -13.02 20.66
CA TYR C 295 31.45 -13.67 21.94
C TYR C 295 29.97 -13.94 22.13
N VAL C 296 29.64 -15.07 22.75
CA VAL C 296 28.27 -15.48 22.96
C VAL C 296 28.07 -15.83 24.44
N ASN C 297 26.83 -15.70 24.89
CA ASN C 297 26.41 -16.17 26.22
C ASN C 297 25.45 -17.33 25.98
N GLU C 298 25.87 -18.54 26.33
CA GLU C 298 25.04 -19.73 26.17
C GLU C 298 24.39 -20.04 27.51
N GLU C 299 23.07 -20.14 27.51
CA GLU C 299 22.30 -20.41 28.73
CA GLU C 299 22.30 -20.41 28.73
C GLU C 299 21.32 -21.53 28.44
N ASN C 300 21.51 -22.67 29.10
CA ASN C 300 20.66 -23.85 28.92
C ASN C 300 20.48 -24.18 27.45
N GLY C 301 21.61 -24.30 26.74
CA GLY C 301 21.62 -24.72 25.34
C GLY C 301 21.28 -23.65 24.33
N LYS C 302 20.85 -22.46 24.77
CA LYS C 302 20.40 -21.41 23.88
C LYS C 302 21.41 -20.27 23.87
N ILE C 303 21.69 -19.73 22.70
CA ILE C 303 22.51 -18.51 22.62
C ILE C 303 21.59 -17.32 22.92
N LYS C 304 21.86 -16.61 24.02
CA LYS C 304 20.95 -15.57 24.46
C LYS C 304 21.49 -14.14 24.31
N ASP C 305 22.80 -13.99 24.17
CA ASP C 305 23.45 -12.69 24.04
C ASP C 305 24.66 -12.88 23.15
N MET C 306 25.00 -11.85 22.38
CA MET C 306 26.21 -11.88 21.57
C MET C 306 26.83 -10.49 21.46
N ILE C 307 28.14 -10.49 21.29
CA ILE C 307 28.94 -9.28 21.10
C ILE C 307 29.86 -9.55 19.91
N SER C 308 29.99 -8.58 18.99
CA SER C 308 31.03 -8.77 17.98
C SER C 308 31.63 -7.43 17.57
N PHE C 309 32.92 -7.48 17.25
CA PHE C 309 33.66 -6.33 16.74
C PHE C 309 34.79 -6.80 15.85
N TYR C 310 35.12 -5.99 14.84
CA TYR C 310 36.21 -6.30 13.94
C TYR C 310 37.41 -5.39 14.16
N SER C 311 38.59 -5.88 13.76
CA SER C 311 39.86 -5.22 13.98
C SER C 311 40.26 -4.48 12.71
N LEU C 312 40.36 -3.15 12.79
CA LEU C 312 40.74 -2.34 11.65
C LEU C 312 41.75 -1.30 12.13
N PRO C 313 43.05 -1.57 11.97
CA PRO C 313 44.07 -0.61 12.41
C PRO C 313 44.13 0.60 11.48
N SER C 314 44.60 1.72 12.01
CA SER C 314 44.95 2.87 11.18
C SER C 314 46.43 3.18 11.34
N GLN C 315 47.11 3.35 10.22
CA GLN C 315 48.45 3.91 10.23
C GLN C 315 48.39 5.35 10.72
N ILE C 316 49.29 5.71 11.63
CA ILE C 316 49.36 7.05 12.20
C ILE C 316 50.37 7.83 11.38
N LEU C 317 49.87 8.75 10.55
CA LEU C 317 50.67 9.32 9.47
C LEU C 317 51.67 10.32 10.01
N GLY C 318 52.92 10.20 9.58
CA GLY C 318 53.96 11.13 9.96
C GLY C 318 54.29 11.15 11.44
N ASN C 319 53.88 10.15 12.20
CA ASN C 319 54.18 10.09 13.62
C ASN C 319 55.36 9.15 13.83
N ASP C 320 56.45 9.69 14.39
CA ASP C 320 57.67 8.92 14.55
C ASP C 320 57.74 8.18 15.88
N LYS C 321 56.73 8.31 16.75
CA LYS C 321 56.71 7.60 18.03
C LYS C 321 55.73 6.44 18.06
N TYR C 322 54.60 6.56 17.36
CA TYR C 322 53.59 5.53 17.25
C TYR C 322 53.32 5.28 15.79
N SER C 323 53.36 4.02 15.38
CA SER C 323 53.10 3.70 13.98
CA SER C 323 53.10 3.68 13.98
C SER C 323 51.65 3.31 13.71
N THR C 324 50.98 2.66 14.65
CA THR C 324 49.67 2.07 14.37
C THR C 324 48.69 2.34 15.51
N LEU C 325 47.49 2.77 15.14
CA LEU C 325 46.34 2.80 16.05
C LEU C 325 45.60 1.46 15.92
N ASN C 326 45.44 0.77 17.03
CA ASN C 326 44.75 -0.52 17.05
C ASN C 326 43.31 -0.29 17.49
N ALA C 327 42.37 -0.50 16.56
CA ALA C 327 40.99 -0.07 16.75
C ALA C 327 40.05 -1.25 16.59
N ALA C 328 39.07 -1.34 17.48
CA ALA C 328 37.99 -2.32 17.39
C ALA C 328 36.75 -1.57 16.94
N TYR C 329 36.01 -2.17 16.00
CA TYR C 329 34.81 -1.57 15.46
C TYR C 329 33.59 -2.41 15.80
N SER C 330 32.63 -1.81 16.50
CA SER C 330 31.38 -2.48 16.81
C SER C 330 30.73 -3.05 15.55
N PHE C 331 30.29 -4.31 15.63
CA PHE C 331 29.72 -5.02 14.49
C PHE C 331 28.26 -5.29 14.82
N TYR C 332 27.91 -6.47 15.33
CA TYR C 332 26.53 -6.76 15.71
C TYR C 332 26.47 -7.22 17.17
N ASN C 333 25.57 -6.60 17.94
CA ASN C 333 25.47 -6.87 19.38
C ASN C 333 23.99 -7.03 19.74
N VAL C 334 23.67 -8.10 20.49
CA VAL C 334 22.28 -8.40 20.87
C VAL C 334 22.27 -8.91 22.30
N THR C 335 21.36 -8.39 23.14
CA THR C 335 21.20 -8.93 24.48
C THR C 335 19.74 -9.22 24.77
N THR C 336 19.47 -10.39 25.33
CA THR C 336 18.18 -10.73 25.86
C THR C 336 18.21 -11.05 27.35
N THR C 337 19.37 -11.12 27.99
CA THR C 337 19.44 -11.35 29.42
C THR C 337 19.99 -10.16 30.21
N ALA C 338 20.36 -9.06 29.55
CA ALA C 338 20.99 -7.91 30.21
C ALA C 338 20.44 -6.65 29.59
N THR C 339 20.86 -5.49 30.11
CA THR C 339 20.58 -4.25 29.38
C THR C 339 21.60 -4.05 28.27
N PHE C 340 21.21 -3.29 27.24
CA PHE C 340 22.18 -3.02 26.17
C PHE C 340 23.39 -2.26 26.70
N LYS C 341 23.19 -1.40 27.71
CA LYS C 341 24.35 -0.71 28.28
C LYS C 341 25.31 -1.70 28.91
N GLN C 342 24.80 -2.69 29.63
CA GLN C 342 25.66 -3.70 30.24
C GLN C 342 26.38 -4.53 29.16
N LEU C 343 25.67 -4.88 28.10
CA LEU C 343 26.27 -5.62 27.00
C LEU C 343 27.41 -4.83 26.38
N MET C 344 27.18 -3.56 26.07
CA MET C 344 28.21 -2.78 25.40
C MET C 344 29.36 -2.43 26.33
N GLN C 345 29.09 -2.38 27.64
CA GLN C 345 30.17 -2.24 28.60
C GLN C 345 31.06 -3.48 28.57
N ASP C 346 30.46 -4.66 28.45
CA ASP C 346 31.24 -5.88 28.24
C ASP C 346 31.99 -5.86 26.91
N ALA C 347 31.38 -5.31 25.85
CA ALA C 347 32.09 -5.26 24.57
C ALA C 347 33.36 -4.41 24.69
N ILE C 348 33.28 -3.27 25.37
CA ILE C 348 34.45 -2.43 25.57
C ILE C 348 35.52 -3.16 26.36
N LEU C 349 35.11 -3.89 27.41
CA LEU C 349 36.06 -4.64 28.22
C LEU C 349 36.75 -5.71 27.39
N LEU C 350 35.99 -6.43 26.56
CA LEU C 350 36.59 -7.47 25.73
C LEU C 350 37.53 -6.87 24.70
N ALA C 351 37.20 -5.69 24.17
CA ALA C 351 38.15 -4.96 23.32
C ALA C 351 39.42 -4.61 24.08
N LYS C 352 39.28 -4.10 25.30
CA LYS C 352 40.45 -3.76 26.12
C LYS C 352 41.30 -4.99 26.43
N ARG C 353 40.66 -6.13 26.75
CA ARG C 353 41.41 -7.36 26.98
C ARG C 353 42.19 -7.83 25.76
N ASN C 354 41.75 -7.43 24.56
CA ASN C 354 42.43 -7.79 23.33
C ASN C 354 43.35 -6.67 22.84
N ASN C 355 43.68 -5.73 23.72
CA ASN C 355 44.74 -4.74 23.52
CA ASN C 355 44.74 -4.74 23.52
C ASN C 355 44.37 -3.69 22.47
N PHE C 356 43.08 -3.45 22.27
CA PHE C 356 42.68 -2.37 21.38
C PHE C 356 42.82 -1.02 22.08
N ASP C 357 43.17 0.00 21.28
CA ASP C 357 43.39 1.35 21.80
C ASP C 357 42.09 2.14 21.95
N VAL C 358 41.07 1.77 21.18
CA VAL C 358 39.85 2.56 21.04
C VAL C 358 38.78 1.62 20.53
N PHE C 359 37.53 1.90 20.89
CA PHE C 359 36.37 1.13 20.46
C PHE C 359 35.43 2.08 19.73
N ASN C 360 35.15 1.79 18.45
CA ASN C 360 34.41 2.70 17.58
C ASN C 360 33.02 2.16 17.29
N ALA C 361 32.02 3.05 17.29
CA ALA C 361 30.66 2.62 16.98
C ALA C 361 29.91 3.71 16.23
N LEU C 362 28.99 3.27 15.38
CA LEU C 362 28.05 4.15 14.69
C LEU C 362 26.73 4.25 15.46
N GLU C 363 26.03 5.36 15.27
CA GLU C 363 24.70 5.53 15.86
C GLU C 363 23.64 4.70 15.13
N VAL C 364 23.94 3.44 14.83
CA VAL C 364 22.96 2.55 14.21
C VAL C 364 22.41 1.60 15.27
N MET C 365 21.33 0.89 14.91
CA MET C 365 20.67 -0.09 15.79
C MET C 365 20.39 0.60 17.13
N GLN C 366 20.78 0.01 18.27
CA GLN C 366 20.53 0.56 19.60
C GLN C 366 21.68 1.38 20.16
N ASN C 367 22.72 1.63 19.36
CA ASN C 367 23.99 2.10 19.91
C ASN C 367 23.85 3.47 20.57
N LYS C 368 23.10 4.39 19.96
CA LYS C 368 23.13 5.76 20.46
C LYS C 368 22.68 5.82 21.91
N SER C 369 21.82 4.89 22.32
CA SER C 369 21.25 4.91 23.67
C SER C 369 22.30 4.76 24.77
N VAL C 370 23.51 4.29 24.45
CA VAL C 370 24.52 3.99 25.45
C VAL C 370 25.75 4.87 25.36
N PHE C 371 25.84 5.74 24.35
CA PHE C 371 27.06 6.51 24.12
C PHE C 371 27.38 7.45 25.28
N GLU C 372 26.38 8.16 25.79
CA GLU C 372 26.67 9.10 26.86
C GLU C 372 27.13 8.36 28.11
N ASP C 373 26.39 7.34 28.53
CA ASP C 373 26.69 6.63 29.76
C ASP C 373 28.03 5.89 29.70
N LEU C 374 28.42 5.39 28.53
CA LEU C 374 29.65 4.63 28.41
C LEU C 374 30.81 5.50 27.90
N LYS C 375 30.67 6.82 27.98
CA LYS C 375 31.77 7.76 27.77
C LYS C 375 32.31 7.72 26.34
N PHE C 376 31.45 7.45 25.36
CA PHE C 376 31.84 7.69 23.99
C PHE C 376 31.89 9.19 23.73
N GLY C 377 32.80 9.62 22.86
CA GLY C 377 32.81 10.97 22.34
C GLY C 377 32.42 10.96 20.86
N GLU C 378 31.58 11.91 20.47
CA GLU C 378 31.20 12.04 19.06
C GLU C 378 32.42 12.38 18.20
N GLY C 379 32.55 11.70 17.06
CA GLY C 379 33.65 11.92 16.14
C GLY C 379 33.44 13.16 15.29
N ASP C 380 34.21 13.26 14.21
CA ASP C 380 34.24 14.48 13.41
C ASP C 380 33.42 14.40 12.13
N GLY C 381 32.70 13.32 11.91
CA GLY C 381 31.98 13.22 10.66
C GLY C 381 30.97 12.11 10.72
N SER C 382 30.47 11.73 9.54
CA SER C 382 29.43 10.72 9.48
C SER C 382 29.70 9.77 8.34
N LEU C 383 29.15 8.58 8.46
CA LEU C 383 29.16 7.59 7.39
C LEU C 383 27.76 7.54 6.78
N LYS C 384 27.70 7.71 5.46
CA LYS C 384 26.44 7.75 4.73
C LYS C 384 26.17 6.38 4.12
N TYR C 385 24.93 5.92 4.24
CA TYR C 385 24.44 4.69 3.61
C TYR C 385 23.71 5.02 2.33
N TYR C 386 24.02 4.27 1.27
CA TYR C 386 23.47 4.51 -0.06
C TYR C 386 22.94 3.21 -0.66
N LEU C 387 21.92 3.33 -1.52
CA LEU C 387 21.47 2.24 -2.37
C LEU C 387 21.60 2.66 -3.83
N TYR C 388 21.88 1.69 -4.69
CA TYR C 388 21.96 1.91 -6.14
C TYR C 388 20.73 1.33 -6.80
N ASN C 389 20.08 2.13 -7.66
CA ASN C 389 18.87 1.73 -8.38
C ASN C 389 17.75 1.34 -7.41
N TRP C 390 17.54 2.17 -6.40
CA TRP C 390 16.43 1.96 -5.47
C TRP C 390 15.96 3.30 -4.93
N LYS C 391 14.67 3.56 -4.99
CA LYS C 391 14.10 4.77 -4.39
C LYS C 391 13.22 4.41 -3.20
N CYS C 392 13.40 5.15 -2.12
CA CYS C 392 12.70 4.93 -0.86
C CYS C 392 12.93 6.15 0.01
N ALA C 393 12.09 6.30 1.02
CA ALA C 393 12.27 7.41 1.95
C ALA C 393 13.54 7.21 2.76
N SER C 394 14.26 8.29 3.02
CA SER C 394 15.40 8.24 3.92
C SER C 394 14.91 8.06 5.37
N PHE C 395 15.82 7.66 6.25
CA PHE C 395 15.41 7.36 7.62
C PHE C 395 16.54 7.60 8.61
N ALA C 396 16.17 7.79 9.88
CA ALA C 396 17.14 7.97 10.94
C ALA C 396 17.98 6.72 11.12
N PRO C 397 19.24 6.85 11.55
CA PRO C 397 20.14 5.70 11.57
C PRO C 397 19.83 4.68 12.67
N ALA C 398 18.99 5.00 13.64
CA ALA C 398 18.50 3.98 14.57
C ALA C 398 17.77 2.86 13.85
N HIS C 399 17.25 3.13 12.64
CA HIS C 399 16.55 2.14 11.83
C HIS C 399 17.47 1.41 10.86
N VAL C 400 18.77 1.70 10.89
CA VAL C 400 19.76 0.97 10.12
C VAL C 400 20.19 -0.25 10.92
N GLY C 401 20.15 -1.42 10.29
CA GLY C 401 20.54 -2.65 10.95
C GLY C 401 21.66 -3.37 10.22
N ILE C 402 22.58 -2.62 9.60
CA ILE C 402 23.67 -3.25 8.87
C ILE C 402 24.93 -2.40 9.02
N VAL C 403 26.08 -3.09 9.12
CA VAL C 403 27.39 -2.48 9.28
C VAL C 403 28.29 -3.03 8.18
N LEU C 404 28.80 -2.13 7.32
CA LEU C 404 29.73 -2.50 6.26
C LEU C 404 31.16 -2.29 6.73
N LEU C 405 32.06 -3.15 6.25
CA LEU C 405 33.44 -3.16 6.76
C LEU C 405 34.25 -1.92 6.36
#